data_6SD8
#
_entry.id   6SD8
#
_cell.length_a   137.750
_cell.length_b   113.012
_cell.length_c   89.044
_cell.angle_alpha   90.000
_cell.angle_beta   120.840
_cell.angle_gamma   90.000
#
_symmetry.space_group_name_H-M   'C 1 2 1'
#
loop_
_entity.id
_entity.type
_entity.pdbx_description
1 polymer 'Probable acyl-CoA dehydrogenase'
2 non-polymer 'FLAVIN-ADENINE DINUCLEOTIDE'
3 water water
#
_entity_poly.entity_id   1
_entity_poly.type   'polypeptide(L)'
_entity_poly.pdbx_seq_one_letter_code
;MKNFYQDGPQLSNTFRSDEALQKILKSLLPADAQKVALPHLEHLGERAVTDMLTWAQEAESQPPVHVPFDPWGRRIDDIK
TSHGWKALEKVAAEEGIVATAYDRRFGAASRVYQMALLYLYSPSSAIFSCPLAMTDGAARALELYADADLKARVLPHLLS
RDPKTFWTAGQWMTERTGGSDVSGTSTDAHPFTGTSEFGATHSLHGTKWFTSATTSQMALTLARPDGAAPGSRGLSLFFL
ELRNDKGELNHIQIHRLKDKLGTKALPTAELSLQGTPARMIGGVGEGVKRIASVLNITRIYNSICAVGHIRRALDLAQDY
SGKRQAFGKLLKDHPLHKSTLDSLEADFRKCIAFSFFVANLLGQEEVGEASASEKILLRVLTPILKLYTAKKSIHISSEV
VEMFGGAGYVEDTGIPRLLRDAQVFSIWEGTTNVLSLDMLRAFEKDQAGQILEQFLVLNEAGSEELVRLQKLLTLSGEQK
EQHAREIAFLIGNAVARIAMKKYSL
;
_entity_poly.pdbx_strand_id   X,A
#
loop_
_chem_comp.id
_chem_comp.type
_chem_comp.name
_chem_comp.formula
FAD non-polymer 'FLAVIN-ADENINE DINUCLEOTIDE' 'C27 H33 N9 O15 P2'
#
# COMPACT_ATOMS: atom_id res chain seq x y z
N ASN A 3 14.05 -13.89 -28.03
CA ASN A 3 13.44 -14.75 -27.03
C ASN A 3 12.06 -14.18 -26.63
N PHE A 4 11.66 -14.41 -25.39
CA PHE A 4 10.33 -14.10 -24.92
C PHE A 4 10.24 -12.71 -24.30
N TYR A 5 9.20 -11.96 -24.68
CA TYR A 5 8.86 -10.73 -23.96
C TYR A 5 7.38 -10.73 -23.67
N GLN A 6 7.05 -10.44 -22.42
CA GLN A 6 5.67 -10.40 -21.98
C GLN A 6 4.90 -9.22 -22.59
N ASP A 7 3.70 -9.47 -23.09
CA ASP A 7 2.81 -8.39 -23.49
C ASP A 7 2.21 -7.72 -22.25
N GLY A 8 2.39 -6.41 -22.13
CA GLY A 8 1.85 -5.65 -21.02
C GLY A 8 0.37 -5.29 -21.16
N PRO A 9 -0.26 -4.80 -20.07
CA PRO A 9 -1.70 -4.50 -20.09
C PRO A 9 -2.02 -3.29 -20.96
N GLN A 10 -3.21 -3.30 -21.57
CA GLN A 10 -3.69 -2.19 -22.39
C GLN A 10 -5.12 -1.83 -22.02
N LEU A 11 -5.44 -0.54 -22.08
CA LEU A 11 -6.79 -0.09 -21.78
C LEU A 11 -7.63 0.10 -23.05
N SER A 12 -8.94 0.11 -22.85
CA SER A 12 -9.87 0.40 -23.94
C SER A 12 -10.89 1.41 -23.43
N ASN A 13 -11.54 2.13 -24.37
CA ASN A 13 -12.54 3.16 -24.04
C ASN A 13 -13.34 2.84 -22.77
N THR A 14 -13.22 3.70 -21.76
CA THR A 14 -13.66 3.34 -20.42
C THR A 14 -15.14 3.64 -20.19
N PHE A 15 -15.82 4.20 -21.19
CA PHE A 15 -17.27 4.18 -21.17
C PHE A 15 -17.77 2.85 -21.72
N ARG A 16 -17.27 2.47 -22.90
CA ARG A 16 -17.74 1.26 -23.57
C ARG A 16 -17.36 0.00 -22.82
N SER A 17 -16.29 0.05 -22.05
CA SER A 17 -15.82 -1.13 -21.35
C SER A 17 -16.52 -1.37 -20.02
N ASP A 18 -17.36 -0.44 -19.61
CA ASP A 18 -17.91 -0.46 -18.26
C ASP A 18 -19.42 -0.73 -18.25
N GLU A 19 -19.78 -2.01 -18.24
CA GLU A 19 -21.20 -2.38 -18.29
C GLU A 19 -21.96 -1.92 -17.06
N ALA A 20 -21.30 -1.92 -15.91
CA ALA A 20 -21.94 -1.48 -14.68
C ALA A 20 -22.32 0.00 -14.73
N LEU A 21 -21.40 0.84 -15.22
CA LEU A 21 -21.70 2.27 -15.38
C LEU A 21 -22.92 2.47 -16.30
N GLN A 22 -22.94 1.76 -17.41
CA GLN A 22 -24.00 1.89 -18.38
C GLN A 22 -25.36 1.46 -17.83
N LYS A 23 -25.39 0.36 -17.09
CA LYS A 23 -26.63 -0.09 -16.45
C LYS A 23 -27.14 0.94 -15.46
N ILE A 24 -26.24 1.50 -14.67
CA ILE A 24 -26.61 2.51 -13.68
C ILE A 24 -27.21 3.75 -14.35
N LEU A 25 -26.58 4.21 -15.43
CA LEU A 25 -27.04 5.42 -16.09
C LEU A 25 -28.37 5.19 -16.82
N LYS A 26 -28.57 3.97 -17.32
CA LYS A 26 -29.85 3.62 -17.94
C LYS A 26 -30.98 3.65 -16.91
N SER A 27 -30.63 3.44 -15.65
CA SER A 27 -31.59 3.49 -14.55
C SER A 27 -31.80 4.91 -14.02
N LEU A 28 -30.72 5.69 -13.96
CA LEU A 28 -30.78 6.99 -13.29
C LEU A 28 -31.00 8.17 -14.22
N LEU A 29 -30.65 8.03 -15.50
CA LEU A 29 -30.80 9.14 -16.44
C LEU A 29 -32.07 9.00 -17.26
N PRO A 30 -32.93 10.04 -17.24
CA PRO A 30 -34.08 10.12 -18.13
C PRO A 30 -33.65 10.25 -19.59
N ALA A 31 -34.57 10.00 -20.51
CA ALA A 31 -34.27 9.97 -21.95
C ALA A 31 -33.58 11.22 -22.46
N ASP A 32 -34.05 12.39 -22.05
CA ASP A 32 -33.48 13.63 -22.54
C ASP A 32 -32.04 13.81 -22.04
N ALA A 33 -31.77 13.43 -20.79
CA ALA A 33 -30.42 13.48 -20.26
C ALA A 33 -29.50 12.51 -21.00
N GLN A 34 -30.00 11.30 -21.27
CA GLN A 34 -29.21 10.29 -21.95
C GLN A 34 -28.74 10.71 -23.34
N LYS A 35 -29.57 11.45 -24.07
CA LYS A 35 -29.17 11.76 -25.45
C LYS A 35 -28.10 12.86 -25.47
N VAL A 36 -27.97 13.59 -24.37
CA VAL A 36 -26.86 14.53 -24.20
C VAL A 36 -25.67 13.81 -23.57
N ALA A 37 -25.92 13.11 -22.48
CA ALA A 37 -24.86 12.57 -21.63
C ALA A 37 -24.10 11.40 -22.24
N LEU A 38 -24.82 10.44 -22.83
CA LEU A 38 -24.17 9.23 -23.34
C LEU A 38 -23.15 9.49 -24.47
N PRO A 39 -23.46 10.38 -25.45
CA PRO A 39 -22.40 10.66 -26.43
C PRO A 39 -21.19 11.35 -25.79
N HIS A 40 -21.45 12.25 -24.86
CA HIS A 40 -20.40 12.96 -24.14
C HIS A 40 -19.52 11.97 -23.38
N LEU A 41 -20.16 11.02 -22.70
CA LEU A 41 -19.43 10.02 -21.91
C LEU A 41 -18.60 9.08 -22.79
N GLU A 42 -19.13 8.72 -23.96
CA GLU A 42 -18.37 7.86 -24.86
C GLU A 42 -17.14 8.60 -25.37
N HIS A 43 -17.29 9.89 -25.64
CA HIS A 43 -16.19 10.74 -26.05
C HIS A 43 -15.13 10.84 -24.95
N LEU A 44 -15.56 11.10 -23.72
CA LEU A 44 -14.63 11.22 -22.59
C LEU A 44 -13.94 9.89 -22.31
N GLY A 45 -14.68 8.79 -22.44
CA GLY A 45 -14.10 7.47 -22.28
C GLY A 45 -12.97 7.21 -23.27
N GLU A 46 -13.05 7.81 -24.46
CA GLU A 46 -11.99 7.65 -25.43
C GLU A 46 -10.78 8.49 -25.04
N ARG A 47 -11.03 9.71 -24.57
CA ARG A 47 -9.95 10.58 -24.10
C ARG A 47 -9.21 9.97 -22.92
N ALA A 48 -9.93 9.29 -22.04
CA ALA A 48 -9.36 8.70 -20.84
C ALA A 48 -8.27 7.69 -21.16
N VAL A 49 -8.35 7.07 -22.34
CA VAL A 49 -7.34 6.07 -22.69
C VAL A 49 -6.43 6.53 -23.83
N THR A 50 -6.54 7.81 -24.21
CA THR A 50 -5.66 8.36 -25.25
C THR A 50 -4.92 9.58 -24.74
N ASP A 51 -5.36 10.79 -25.08
CA ASP A 51 -4.56 11.95 -24.75
C ASP A 51 -4.47 12.23 -23.24
N MET A 52 -5.54 11.99 -22.49
CA MET A 52 -5.48 12.16 -21.03
C MET A 52 -4.50 11.19 -20.39
N LEU A 53 -4.49 9.96 -20.88
CA LEU A 53 -3.64 8.92 -20.30
C LEU A 53 -2.17 9.33 -20.45
N THR A 54 -1.85 9.85 -21.62
CA THR A 54 -0.50 10.31 -21.90
C THR A 54 -0.14 11.50 -21.04
N TRP A 55 -1.06 12.47 -20.93
CA TRP A 55 -0.82 13.65 -20.09
C TRP A 55 -0.66 13.29 -18.61
N ALA A 56 -1.45 12.33 -18.12
CA ALA A 56 -1.36 11.92 -16.73
C ALA A 56 -0.02 11.25 -16.47
N GLN A 57 0.46 10.45 -17.41
CA GLN A 57 1.75 9.79 -17.24
C GLN A 57 2.88 10.81 -17.19
N GLU A 58 2.78 11.83 -18.06
CA GLU A 58 3.74 12.93 -18.05
C GLU A 58 3.77 13.66 -16.71
N ALA A 59 2.58 13.95 -16.17
CA ALA A 59 2.47 14.66 -14.91
C ALA A 59 3.03 13.84 -13.74
N GLU A 60 2.69 12.55 -13.71
CA GLU A 60 3.24 11.65 -12.70
C GLU A 60 4.77 11.60 -12.78
N SER A 61 5.28 11.64 -14.01
CA SER A 61 6.71 11.51 -14.28
C SER A 61 7.49 12.80 -14.02
N GLN A 62 6.77 13.91 -13.94
CA GLN A 62 7.40 15.22 -13.74
C GLN A 62 6.68 15.97 -12.64
N PRO A 63 6.92 15.58 -11.39
CA PRO A 63 6.21 16.23 -10.28
C PRO A 63 6.51 17.73 -10.24
N PRO A 64 5.60 18.51 -9.64
CA PRO A 64 5.77 19.96 -9.50
C PRO A 64 7.00 20.34 -8.71
N VAL A 65 7.57 21.50 -9.04
CA VAL A 65 8.77 21.97 -8.38
C VAL A 65 8.58 23.41 -7.88
N HIS A 66 8.93 23.63 -6.62
CA HIS A 66 8.87 24.95 -5.99
C HIS A 66 10.13 25.75 -6.34
N VAL A 67 9.91 26.96 -6.84
CA VAL A 67 10.98 27.92 -7.13
C VAL A 67 10.71 29.16 -6.26
N PRO A 68 11.28 29.20 -5.04
CA PRO A 68 10.92 30.31 -4.15
C PRO A 68 11.45 31.68 -4.63
N PHE A 69 12.64 31.69 -5.19
CA PHE A 69 13.31 32.93 -5.56
C PHE A 69 13.66 33.00 -7.04
N ASP A 70 13.52 34.19 -7.63
CA ASP A 70 14.00 34.40 -8.99
C ASP A 70 15.54 34.58 -8.93
N PRO A 71 16.21 34.64 -10.08
CA PRO A 71 17.68 34.65 -10.01
C PRO A 71 18.30 35.91 -9.37
N TRP A 72 17.48 36.93 -9.12
CA TRP A 72 17.97 38.17 -8.54
C TRP A 72 17.44 38.40 -7.13
N GLY A 73 16.86 37.35 -6.55
CA GLY A 73 16.53 37.38 -5.14
C GLY A 73 15.10 37.77 -4.80
N ARG A 74 14.28 38.06 -5.81
CA ARG A 74 12.87 38.34 -5.55
C ARG A 74 12.12 37.08 -5.16
N ARG A 75 11.33 37.16 -4.10
CA ARG A 75 10.50 36.03 -3.69
C ARG A 75 9.30 35.90 -4.64
N ILE A 76 9.28 34.83 -5.43
CA ILE A 76 8.23 34.66 -6.41
C ILE A 76 7.34 33.45 -6.09
N ASP A 77 7.89 32.47 -5.39
CA ASP A 77 7.17 31.25 -5.02
C ASP A 77 6.41 30.64 -6.19
N ASP A 78 7.10 30.47 -7.32
CA ASP A 78 6.53 29.80 -8.46
C ASP A 78 6.43 28.30 -8.20
N ILE A 79 5.44 27.67 -8.81
CA ILE A 79 5.36 26.22 -8.83
C ILE A 79 5.39 25.79 -10.30
N LYS A 80 6.49 25.14 -10.71
CA LYS A 80 6.58 24.67 -12.09
C LYS A 80 5.86 23.34 -12.21
N THR A 81 5.00 23.25 -13.21
CA THR A 81 4.27 22.01 -13.47
C THR A 81 4.50 21.56 -14.91
N SER A 82 4.19 20.30 -15.17
CA SER A 82 4.29 19.76 -16.53
C SER A 82 3.21 20.32 -17.45
N HIS A 83 3.47 20.26 -18.75
CA HIS A 83 2.42 20.57 -19.72
C HIS A 83 1.22 19.65 -19.57
N GLY A 84 1.48 18.37 -19.27
CA GLY A 84 0.41 17.39 -19.11
C GLY A 84 -0.55 17.80 -18.01
N TRP A 85 -0.01 18.28 -16.90
CA TRP A 85 -0.82 18.77 -15.79
C TRP A 85 -1.69 19.94 -16.22
N LYS A 86 -1.10 20.89 -16.94
CA LYS A 86 -1.87 22.02 -17.43
C LYS A 86 -2.95 21.59 -18.41
N ALA A 87 -2.64 20.59 -19.23
CA ALA A 87 -3.61 20.11 -20.22
C ALA A 87 -4.80 19.44 -19.55
N LEU A 88 -4.55 18.72 -18.47
CA LEU A 88 -5.62 18.04 -17.76
C LEU A 88 -6.57 19.04 -17.08
N GLU A 89 -6.03 20.19 -16.67
CA GLU A 89 -6.85 21.28 -16.16
C GLU A 89 -7.79 21.80 -17.25
N LYS A 90 -7.22 22.04 -18.43
CA LYS A 90 -8.03 22.49 -19.56
C LYS A 90 -9.14 21.48 -19.89
N VAL A 91 -8.84 20.19 -19.80
CA VAL A 91 -9.85 19.16 -20.03
C VAL A 91 -11.02 19.29 -19.03
N ALA A 92 -10.68 19.54 -17.77
CA ALA A 92 -11.71 19.65 -16.72
C ALA A 92 -12.71 20.76 -17.06
N ALA A 93 -12.18 21.88 -17.56
CA ALA A 93 -13.03 23.00 -17.96
C ALA A 93 -13.88 22.67 -19.19
N GLU A 94 -13.24 22.30 -20.29
CA GLU A 94 -13.96 22.13 -21.55
C GLU A 94 -14.94 20.95 -21.53
N GLU A 95 -14.64 19.94 -20.72
CA GLU A 95 -15.53 18.77 -20.62
C GLU A 95 -16.61 18.95 -19.55
N GLY A 96 -16.56 20.07 -18.83
CA GLY A 96 -17.57 20.37 -17.83
C GLY A 96 -17.60 19.38 -16.68
N ILE A 97 -16.44 18.94 -16.22
CA ILE A 97 -16.36 17.92 -15.18
C ILE A 97 -16.96 18.42 -13.87
N VAL A 98 -16.88 19.73 -13.63
CA VAL A 98 -17.59 20.34 -12.51
C VAL A 98 -18.91 21.00 -12.95
N ALA A 99 -18.83 21.78 -14.02
CA ALA A 99 -19.90 22.68 -14.42
C ALA A 99 -21.22 21.96 -14.72
N THR A 100 -21.12 20.74 -15.22
CA THR A 100 -22.29 19.94 -15.59
C THR A 100 -23.30 19.80 -14.44
N ALA A 101 -22.80 19.69 -13.21
CA ALA A 101 -23.70 19.53 -12.06
C ALA A 101 -24.53 20.77 -11.80
N TYR A 102 -24.01 21.93 -12.20
CA TYR A 102 -24.65 23.19 -11.85
C TYR A 102 -25.56 23.67 -12.98
N ASP A 103 -25.52 22.98 -14.10
CA ASP A 103 -26.49 23.18 -15.16
C ASP A 103 -27.64 22.21 -14.91
N ARG A 104 -28.63 22.65 -14.15
CA ARG A 104 -29.64 21.73 -13.62
C ARG A 104 -30.86 21.49 -14.54
N ARG A 105 -30.66 21.55 -15.86
CA ARG A 105 -31.66 21.12 -16.85
C ARG A 105 -32.31 19.79 -16.55
N PHE A 106 -31.52 18.83 -16.06
CA PHE A 106 -32.00 17.46 -15.94
C PHE A 106 -32.38 17.12 -14.51
N GLY A 107 -32.62 18.14 -13.70
CA GLY A 107 -33.00 17.93 -12.32
C GLY A 107 -31.92 17.22 -11.53
N ALA A 108 -32.33 16.20 -10.76
CA ALA A 108 -31.40 15.42 -9.95
C ALA A 108 -30.41 14.65 -10.80
N ALA A 109 -30.75 14.46 -12.08
CA ALA A 109 -29.89 13.71 -12.98
C ALA A 109 -28.69 14.55 -13.45
N SER A 110 -28.74 15.86 -13.25
CA SER A 110 -27.60 16.71 -13.62
C SER A 110 -26.36 16.34 -12.80
N ARG A 111 -26.56 16.14 -11.50
CA ARG A 111 -25.47 15.72 -10.62
C ARG A 111 -25.02 14.30 -10.95
N VAL A 112 -25.94 13.43 -11.35
CA VAL A 112 -25.58 12.05 -11.72
C VAL A 112 -24.72 12.05 -12.98
N TYR A 113 -25.15 12.83 -13.98
CA TYR A 113 -24.40 13.01 -15.22
C TYR A 113 -22.99 13.54 -14.92
N GLN A 114 -22.91 14.57 -14.07
CA GLN A 114 -21.62 15.14 -13.71
C GLN A 114 -20.72 14.11 -13.01
N MET A 115 -21.28 13.34 -12.08
CA MET A 115 -20.48 12.36 -11.36
C MET A 115 -20.01 11.24 -12.30
N ALA A 116 -20.79 10.98 -13.34
CA ALA A 116 -20.38 10.02 -14.34
C ALA A 116 -19.19 10.54 -15.14
N LEU A 117 -19.22 11.84 -15.44
CA LEU A 117 -18.08 12.48 -16.09
C LEU A 117 -16.85 12.38 -15.20
N LEU A 118 -17.02 12.67 -13.91
CA LEU A 118 -15.92 12.58 -12.97
C LEU A 118 -15.36 11.17 -12.90
N TYR A 119 -16.25 10.19 -12.91
CA TYR A 119 -15.89 8.78 -12.82
C TYR A 119 -14.94 8.34 -13.96
N LEU A 120 -15.18 8.85 -15.15
CA LEU A 120 -14.33 8.58 -16.30
C LEU A 120 -13.06 9.43 -16.30
N TYR A 121 -13.20 10.69 -15.89
CA TYR A 121 -12.10 11.65 -15.92
C TYR A 121 -11.03 11.35 -14.87
N SER A 122 -11.46 11.13 -13.62
CA SER A 122 -10.53 11.05 -12.50
C SER A 122 -9.39 10.04 -12.66
N PRO A 123 -9.67 8.80 -13.10
CA PRO A 123 -8.56 7.82 -13.13
C PRO A 123 -7.48 8.13 -14.17
N SER A 124 -7.76 9.04 -15.09
CA SER A 124 -6.75 9.47 -16.06
C SER A 124 -6.38 10.93 -15.88
N SER A 125 -6.52 11.43 -14.66
CA SER A 125 -6.30 12.85 -14.40
C SER A 125 -5.09 13.17 -13.53
N ALA A 126 -4.30 12.16 -13.16
CA ALA A 126 -3.21 12.35 -12.20
C ALA A 126 -3.69 13.08 -10.94
N ILE A 127 -4.94 12.76 -10.55
CA ILE A 127 -5.62 13.31 -9.36
C ILE A 127 -5.87 14.83 -9.46
N PHE A 128 -5.96 15.37 -10.68
CA PHE A 128 -6.47 16.74 -10.83
C PHE A 128 -7.92 16.78 -10.33
N SER A 129 -8.57 15.62 -10.28
CA SER A 129 -9.90 15.52 -9.72
C SER A 129 -10.00 16.03 -8.27
N CYS A 130 -8.89 16.05 -7.54
CA CYS A 130 -8.91 16.60 -6.19
C CYS A 130 -9.15 18.13 -6.20
N PRO A 131 -8.35 18.91 -6.97
CA PRO A 131 -8.74 20.31 -7.16
C PRO A 131 -10.18 20.50 -7.63
N LEU A 132 -10.68 19.62 -8.48
CA LEU A 132 -12.06 19.73 -8.93
C LEU A 132 -13.07 19.59 -7.78
N ALA A 133 -12.81 18.66 -6.87
CA ALA A 133 -13.69 18.46 -5.69
C ALA A 133 -13.77 19.72 -4.86
N MET A 134 -12.61 20.35 -4.64
CA MET A 134 -12.56 21.54 -3.82
C MET A 134 -13.19 22.72 -4.56
N THR A 135 -13.09 22.69 -5.89
CA THR A 135 -13.70 23.71 -6.74
C THR A 135 -15.23 23.61 -6.68
N ASP A 136 -15.74 22.39 -6.81
CA ASP A 136 -17.18 22.15 -6.77
C ASP A 136 -17.73 22.58 -5.42
N GLY A 137 -17.06 22.13 -4.38
CA GLY A 137 -17.40 22.52 -3.03
C GLY A 137 -17.44 24.02 -2.80
N ALA A 138 -16.43 24.73 -3.30
CA ALA A 138 -16.38 26.17 -3.13
C ALA A 138 -17.54 26.84 -3.85
N ALA A 139 -17.87 26.36 -5.04
CA ALA A 139 -18.98 26.91 -5.81
C ALA A 139 -20.26 26.80 -5.02
N ARG A 140 -20.49 25.62 -4.44
CA ARG A 140 -21.74 25.39 -3.72
C ARG A 140 -21.82 26.27 -2.49
N ALA A 141 -20.69 26.40 -1.79
CA ALA A 141 -20.62 27.24 -0.60
C ALA A 141 -20.95 28.68 -0.93
N LEU A 142 -20.37 29.17 -2.03
CA LEU A 142 -20.65 30.53 -2.45
C LEU A 142 -22.11 30.66 -2.89
N GLU A 143 -22.60 29.68 -3.63
CA GLU A 143 -24.00 29.66 -4.06
C GLU A 143 -24.97 29.78 -2.88
N LEU A 144 -24.64 29.12 -1.78
CA LEU A 144 -25.52 29.10 -0.61
C LEU A 144 -25.39 30.33 0.29
N TYR A 145 -24.17 30.84 0.45
CA TYR A 145 -23.90 31.78 1.53
C TYR A 145 -23.29 33.12 1.14
N ALA A 146 -22.86 33.26 -0.11
CA ALA A 146 -22.16 34.49 -0.52
C ALA A 146 -23.12 35.53 -1.07
N ASP A 147 -22.76 36.80 -0.93
CA ASP A 147 -23.58 37.88 -1.43
C ASP A 147 -23.59 37.83 -2.95
N ALA A 148 -24.52 38.56 -3.55
CA ALA A 148 -24.74 38.50 -4.99
C ALA A 148 -23.50 38.97 -5.76
N ASP A 149 -22.80 39.96 -5.21
CA ASP A 149 -21.67 40.56 -5.89
C ASP A 149 -20.47 39.61 -5.92
N LEU A 150 -20.25 38.88 -4.83
CA LEU A 150 -19.16 37.93 -4.78
C LEU A 150 -19.44 36.75 -5.72
N LYS A 151 -20.69 36.29 -5.73
CA LYS A 151 -21.11 35.21 -6.61
C LYS A 151 -20.97 35.58 -8.08
N ALA A 152 -21.35 36.82 -8.41
CA ALA A 152 -21.30 37.26 -9.79
C ALA A 152 -19.85 37.31 -10.28
N ARG A 153 -18.93 37.59 -9.37
CA ARG A 153 -17.50 37.64 -9.69
C ARG A 153 -16.89 36.25 -9.87
N VAL A 154 -17.19 35.35 -8.93
CA VAL A 154 -16.43 34.10 -8.82
C VAL A 154 -17.06 32.89 -9.52
N LEU A 155 -18.38 32.70 -9.37
CA LEU A 155 -19.03 31.53 -9.96
C LEU A 155 -18.85 31.39 -11.48
N PRO A 156 -18.82 32.50 -12.25
CA PRO A 156 -18.54 32.30 -13.67
C PRO A 156 -17.16 31.71 -13.95
N HIS A 157 -16.21 31.90 -13.03
CA HIS A 157 -14.89 31.30 -13.16
C HIS A 157 -14.89 29.82 -12.77
N LEU A 158 -15.43 29.52 -11.61
CA LEU A 158 -15.45 28.13 -11.11
C LEU A 158 -16.28 27.22 -12.02
N LEU A 159 -17.34 27.77 -12.60
CA LEU A 159 -18.26 26.98 -13.41
C LEU A 159 -18.01 27.20 -14.91
N SER A 160 -16.86 27.78 -15.24
CA SER A 160 -16.51 28.04 -16.63
C SER A 160 -16.23 26.77 -17.44
N ARG A 161 -16.66 26.77 -18.69
CA ARG A 161 -16.30 25.73 -19.65
C ARG A 161 -15.15 26.21 -20.53
N ASP A 162 -14.72 27.45 -20.28
CA ASP A 162 -13.65 28.08 -21.04
C ASP A 162 -12.35 28.01 -20.26
N PRO A 163 -11.37 27.25 -20.77
CA PRO A 163 -10.09 27.08 -20.08
C PRO A 163 -9.40 28.40 -19.72
N LYS A 164 -9.60 29.42 -20.53
CA LYS A 164 -8.91 30.68 -20.29
C LYS A 164 -9.52 31.46 -19.13
N THR A 165 -10.71 31.06 -18.68
CA THR A 165 -11.36 31.78 -17.59
C THR A 165 -11.71 30.87 -16.41
N PHE A 166 -11.46 29.58 -16.56
CA PHE A 166 -11.72 28.59 -15.53
C PHE A 166 -10.79 28.83 -14.34
N TRP A 167 -11.38 28.81 -13.14
CA TRP A 167 -10.65 28.85 -11.88
C TRP A 167 -10.84 27.54 -11.13
N THR A 168 -9.81 27.13 -10.39
CA THR A 168 -10.02 26.11 -9.35
C THR A 168 -9.93 26.78 -7.98
N ALA A 169 -10.47 26.11 -6.97
CA ALA A 169 -10.43 26.62 -5.61
C ALA A 169 -9.67 25.65 -4.71
N GLY A 170 -8.99 26.19 -3.70
CA GLY A 170 -8.44 25.37 -2.64
C GLY A 170 -9.33 25.42 -1.41
N GLN A 171 -9.19 24.43 -0.54
CA GLN A 171 -9.86 24.42 0.77
C GLN A 171 -8.77 24.26 1.81
N TRP A 172 -8.44 25.35 2.50
CA TRP A 172 -7.29 25.33 3.39
C TRP A 172 -7.70 25.21 4.84
N MET A 173 -8.01 23.98 5.25
CA MET A 173 -8.59 23.76 6.57
C MET A 173 -7.59 23.19 7.58
N THR A 174 -6.64 22.40 7.10
CA THR A 174 -5.69 21.73 8.00
C THR A 174 -4.55 22.65 8.45
N GLU A 175 -4.30 22.64 9.76
CA GLU A 175 -3.14 23.30 10.36
C GLU A 175 -2.32 22.24 11.11
N ARG A 176 -1.15 22.62 11.63
CA ARG A 176 -0.28 21.65 12.30
C ARG A 176 -0.96 21.00 13.52
N THR A 177 -1.85 21.73 14.19
CA THR A 177 -2.54 21.22 15.36
C THR A 177 -3.51 20.08 15.03
N GLY A 178 -4.01 20.07 13.80
CA GLY A 178 -4.95 19.04 13.40
C GLY A 178 -5.68 19.33 12.10
N GLY A 179 -6.08 18.26 11.42
CA GLY A 179 -6.93 18.36 10.25
C GLY A 179 -8.30 17.75 10.53
N SER A 180 -8.32 16.62 11.22
CA SER A 180 -9.58 16.01 11.65
C SER A 180 -10.31 16.97 12.57
N ASP A 181 -9.57 17.48 13.54
CA ASP A 181 -10.08 18.44 14.51
C ASP A 181 -9.50 19.82 14.22
N VAL A 182 -10.33 20.75 13.74
CA VAL A 182 -9.87 22.08 13.36
C VAL A 182 -10.03 23.09 14.48
N SER A 183 -10.48 22.65 15.65
CA SER A 183 -10.73 23.56 16.76
C SER A 183 -9.47 24.30 17.21
N GLY A 184 -8.31 23.70 16.95
CA GLY A 184 -7.03 24.30 17.30
C GLY A 184 -6.51 25.35 16.33
N THR A 185 -7.28 25.64 15.28
CA THR A 185 -6.91 26.61 14.26
C THR A 185 -6.35 27.90 14.87
N SER A 186 -5.16 28.30 14.41
CA SER A 186 -4.43 29.41 15.02
C SER A 186 -4.33 30.62 14.09
N THR A 187 -4.94 30.52 12.91
CA THR A 187 -4.93 31.63 11.96
C THR A 187 -5.85 32.75 12.44
N ASP A 188 -5.30 33.95 12.57
CA ASP A 188 -6.06 35.12 13.02
C ASP A 188 -6.62 35.91 11.86
N ALA A 189 -7.75 36.57 12.07
CA ALA A 189 -8.32 37.47 11.10
C ALA A 189 -8.47 38.87 11.70
N HIS A 190 -7.58 39.77 11.32
CA HIS A 190 -7.62 41.16 11.75
C HIS A 190 -8.46 42.00 10.80
N PRO A 191 -9.25 42.94 11.32
CA PRO A 191 -9.99 43.86 10.46
C PRO A 191 -9.08 44.55 9.44
N PHE A 192 -9.59 44.73 8.23
CA PHE A 192 -8.80 45.24 7.11
C PHE A 192 -9.60 46.33 6.41
N THR A 193 -8.96 47.44 6.11
CA THR A 193 -9.66 48.58 5.52
C THR A 193 -9.02 49.07 4.23
N GLY A 194 -7.98 48.37 3.77
CA GLY A 194 -7.41 48.69 2.48
C GLY A 194 -8.39 48.29 1.39
N THR A 195 -7.97 48.41 0.14
CA THR A 195 -8.83 48.05 -0.97
C THR A 195 -8.42 46.71 -1.58
N SER A 196 -9.35 46.09 -2.29
CA SER A 196 -9.15 44.79 -2.91
C SER A 196 -10.21 44.59 -3.98
N GLU A 197 -10.00 43.64 -4.87
CA GLU A 197 -10.91 43.44 -5.99
C GLU A 197 -12.15 42.64 -5.63
N PHE A 198 -12.23 42.14 -4.40
CA PHE A 198 -13.35 41.27 -4.03
C PHE A 198 -13.98 41.67 -2.69
N GLY A 199 -13.67 42.87 -2.22
CA GLY A 199 -14.28 43.39 -1.01
C GLY A 199 -13.79 42.73 0.26
N ALA A 200 -12.48 42.53 0.36
CA ALA A 200 -11.88 41.94 1.55
C ALA A 200 -12.25 42.71 2.80
N THR A 201 -12.50 41.99 3.89
CA THR A 201 -12.93 42.55 5.15
C THR A 201 -11.90 42.34 6.25
N HIS A 202 -11.00 41.39 6.02
CA HIS A 202 -10.01 41.01 7.02
C HIS A 202 -8.66 40.72 6.38
N SER A 203 -7.62 40.68 7.20
CA SER A 203 -6.32 40.17 6.77
C SER A 203 -5.98 38.93 7.59
N LEU A 204 -5.50 37.88 6.93
CA LEU A 204 -5.25 36.62 7.62
C LEU A 204 -3.79 36.42 7.97
N HIS A 205 -3.56 35.87 9.16
CA HIS A 205 -2.22 35.61 9.67
C HIS A 205 -2.15 34.23 10.28
N GLY A 206 -1.43 33.34 9.63
CA GLY A 206 -1.27 31.99 10.16
C GLY A 206 -0.59 31.07 9.17
N THR A 207 -0.54 29.79 9.51
CA THR A 207 0.13 28.81 8.67
C THR A 207 -0.85 27.70 8.34
N LYS A 208 -0.92 27.37 7.06
CA LYS A 208 -1.79 26.31 6.56
C LYS A 208 -0.91 25.14 6.13
N TRP A 209 -1.17 23.98 6.72
CA TRP A 209 -0.19 22.89 6.78
C TRP A 209 -0.26 21.91 5.60
N PHE A 210 -1.47 21.71 5.06
CA PHE A 210 -1.67 20.99 3.80
C PHE A 210 -2.55 21.88 2.93
N THR A 211 -2.07 22.25 1.75
CA THR A 211 -2.85 23.04 0.80
C THR A 211 -2.60 22.55 -0.61
N SER A 212 -3.43 22.97 -1.56
CA SER A 212 -3.18 22.67 -2.97
C SER A 212 -2.34 23.77 -3.63
N ALA A 213 -1.58 24.49 -2.81
CA ALA A 213 -0.56 25.41 -3.30
C ALA A 213 -1.17 26.53 -4.12
N THR A 214 -0.41 27.03 -5.09
CA THR A 214 -0.78 28.25 -5.79
C THR A 214 -1.40 28.03 -7.15
N THR A 215 -1.78 26.79 -7.45
CA THR A 215 -2.32 26.54 -8.77
C THR A 215 -3.82 26.89 -8.82
N SER A 216 -4.41 27.08 -7.63
CA SER A 216 -5.78 27.61 -7.54
C SER A 216 -5.82 29.15 -7.49
N GLN A 217 -6.90 29.72 -8.00
CA GLN A 217 -7.05 31.18 -8.05
C GLN A 217 -7.70 31.74 -6.78
N MET A 218 -8.48 30.90 -6.11
CA MET A 218 -9.15 31.28 -4.87
C MET A 218 -9.04 30.16 -3.84
N ALA A 219 -9.39 30.48 -2.61
CA ALA A 219 -9.51 29.45 -1.57
C ALA A 219 -10.56 29.83 -0.54
N LEU A 220 -11.12 28.81 0.10
CA LEU A 220 -11.90 29.02 1.31
C LEU A 220 -11.03 28.55 2.48
N THR A 221 -11.15 29.21 3.63
CA THR A 221 -10.34 28.83 4.80
C THR A 221 -11.03 29.28 6.07
N LEU A 222 -10.57 28.74 7.21
CA LEU A 222 -11.10 29.13 8.52
C LEU A 222 -10.11 30.02 9.24
N ALA A 223 -10.62 31.00 9.97
CA ALA A 223 -9.75 31.88 10.75
C ALA A 223 -10.51 32.44 11.94
N ARG A 224 -9.77 32.87 12.96
CA ARG A 224 -10.37 33.40 14.18
C ARG A 224 -10.21 34.91 14.27
N PRO A 225 -11.33 35.64 14.09
CA PRO A 225 -11.37 37.11 14.17
C PRO A 225 -10.90 37.61 15.53
N ASP A 226 -10.38 38.83 15.57
CA ASP A 226 -9.96 39.47 16.81
C ASP A 226 -11.02 39.35 17.90
N GLY A 227 -10.64 38.82 19.06
CA GLY A 227 -11.53 38.77 20.20
C GLY A 227 -12.50 37.63 20.23
N ALA A 228 -12.45 36.76 19.21
CA ALA A 228 -13.40 35.66 19.10
C ALA A 228 -13.13 34.56 20.13
N ALA A 229 -14.15 33.75 20.39
CA ALA A 229 -14.06 32.65 21.33
C ALA A 229 -13.00 31.62 20.93
N PRO A 230 -12.47 30.87 21.92
CA PRO A 230 -11.55 29.77 21.62
C PRO A 230 -12.24 28.55 21.03
N GLY A 231 -11.47 27.68 20.40
CA GLY A 231 -12.00 26.45 19.84
C GLY A 231 -12.80 26.68 18.57
N SER A 232 -13.60 25.69 18.19
CA SER A 232 -14.35 25.71 16.94
C SER A 232 -15.36 26.86 16.85
N ARG A 233 -16.01 27.18 17.96
CA ARG A 233 -17.05 28.21 17.99
C ARG A 233 -16.54 29.61 17.66
N GLY A 234 -15.24 29.83 17.75
CA GLY A 234 -14.65 31.11 17.42
C GLY A 234 -14.24 31.26 15.97
N LEU A 235 -14.50 30.24 15.16
CA LEU A 235 -14.03 30.22 13.78
C LEU A 235 -15.05 30.71 12.75
N SER A 236 -14.58 31.53 11.81
CA SER A 236 -15.41 32.01 10.70
C SER A 236 -14.85 31.52 9.36
N LEU A 237 -15.73 31.43 8.37
CA LEU A 237 -15.35 31.04 7.01
C LEU A 237 -14.90 32.27 6.21
N PHE A 238 -13.79 32.13 5.50
CA PHE A 238 -13.27 33.24 4.71
C PHE A 238 -13.03 32.87 3.26
N PHE A 239 -13.28 33.83 2.37
CA PHE A 239 -12.91 33.73 0.96
C PHE A 239 -11.67 34.55 0.69
N LEU A 240 -10.75 34.03 -0.12
CA LEU A 240 -9.60 34.81 -0.53
C LEU A 240 -9.21 34.48 -1.97
N GLU A 241 -8.56 35.43 -2.64
CA GLU A 241 -7.98 35.19 -3.94
C GLU A 241 -6.46 35.14 -3.78
N LEU A 242 -5.81 34.21 -4.46
CA LEU A 242 -4.39 34.01 -4.23
C LEU A 242 -3.53 35.12 -4.81
N ARG A 243 -3.96 35.72 -5.90
CA ARG A 243 -3.19 36.77 -6.58
C ARG A 243 -3.97 38.05 -6.84
N ASN A 244 -3.25 39.14 -7.07
CA ASN A 244 -3.82 40.40 -7.49
C ASN A 244 -3.79 40.60 -9.00
N ASP A 245 -4.15 41.81 -9.39
CA ASP A 245 -3.98 42.25 -10.76
C ASP A 245 -2.63 41.88 -11.38
N LYS A 246 -1.55 42.12 -10.65
CA LYS A 246 -0.21 41.88 -11.13
C LYS A 246 0.10 40.42 -11.46
N GLY A 247 -0.62 39.51 -10.82
CA GLY A 247 -0.28 38.10 -10.87
C GLY A 247 0.64 37.80 -9.69
N GLU A 248 0.76 38.77 -8.78
CA GLU A 248 1.56 38.61 -7.57
C GLU A 248 0.75 37.95 -6.47
N LEU A 249 1.38 37.06 -5.71
CA LEU A 249 0.72 36.43 -4.57
C LEU A 249 0.36 37.47 -3.52
N ASN A 250 -0.83 37.33 -2.95
CA ASN A 250 -1.36 38.32 -2.00
C ASN A 250 -0.91 38.07 -0.57
N HIS A 251 0.35 38.37 -0.28
CA HIS A 251 0.93 38.13 1.05
C HIS A 251 0.77 36.68 1.45
N ILE A 252 1.11 35.82 0.50
CA ILE A 252 1.14 34.37 0.74
C ILE A 252 2.56 33.90 0.45
N GLN A 253 3.12 33.15 1.39
CA GLN A 253 4.45 32.58 1.20
C GLN A 253 4.37 31.06 1.19
N ILE A 254 5.01 30.44 0.20
CA ILE A 254 5.08 28.99 0.14
C ILE A 254 6.35 28.50 0.84
N HIS A 255 6.18 27.64 1.84
CA HIS A 255 7.33 27.11 2.57
C HIS A 255 8.03 26.02 1.78
N ARG A 256 7.24 25.06 1.31
CA ARG A 256 7.77 23.95 0.51
C ARG A 256 6.62 23.11 0.00
N LEU A 257 6.89 22.29 -1.00
CA LEU A 257 5.99 21.22 -1.40
C LEU A 257 6.27 19.98 -0.57
N LYS A 258 5.22 19.24 -0.24
CA LYS A 258 5.38 17.94 0.39
C LYS A 258 5.86 16.92 -0.61
N ASP A 259 6.77 16.06 -0.18
CA ASP A 259 7.19 14.90 -0.94
C ASP A 259 6.34 13.72 -0.49
N LYS A 260 5.39 13.30 -1.31
CA LYS A 260 4.33 12.37 -0.88
C LYS A 260 4.50 10.95 -1.36
N LEU A 261 3.80 10.03 -0.67
CA LEU A 261 3.71 8.63 -1.08
C LEU A 261 3.17 8.51 -2.48
N GLY A 262 2.08 9.22 -2.74
CA GLY A 262 1.47 9.25 -4.05
C GLY A 262 0.83 10.60 -4.32
N THR A 263 -0.09 10.63 -5.29
CA THR A 263 -0.62 11.89 -5.82
C THR A 263 0.53 12.83 -6.21
N LYS A 264 1.59 12.25 -6.78
CA LYS A 264 2.81 13.02 -7.00
C LYS A 264 2.67 14.20 -7.94
N ALA A 265 1.73 14.13 -8.89
CA ALA A 265 1.54 15.26 -9.81
C ALA A 265 0.84 16.45 -9.15
N LEU A 266 0.09 16.18 -8.09
CA LEU A 266 -0.65 17.21 -7.38
C LEU A 266 0.26 18.04 -6.44
N PRO A 267 0.33 19.36 -6.67
CA PRO A 267 1.12 20.15 -5.71
C PRO A 267 0.41 20.23 -4.37
N THR A 268 1.07 19.82 -3.30
CA THR A 268 0.54 19.96 -1.95
C THR A 268 1.57 20.76 -1.17
N ALA A 269 1.18 21.94 -0.70
CA ALA A 269 2.14 22.86 -0.12
C ALA A 269 1.84 23.21 1.32
N GLU A 270 2.89 23.60 2.03
CA GLU A 270 2.76 24.28 3.32
C GLU A 270 2.85 25.78 3.00
N LEU A 271 1.88 26.55 3.48
CA LEU A 271 1.75 27.97 3.19
C LEU A 271 1.70 28.83 4.45
N SER A 272 2.23 30.05 4.38
CA SER A 272 1.95 31.02 5.43
C SER A 272 1.15 32.19 4.87
N LEU A 273 0.08 32.54 5.57
CA LEU A 273 -0.70 33.73 5.26
C LEU A 273 -0.12 34.86 6.08
N GLN A 274 0.34 35.91 5.40
CA GLN A 274 1.06 36.99 6.07
C GLN A 274 0.37 38.32 5.84
N GLY A 275 -0.89 38.40 6.24
CA GLY A 275 -1.71 39.58 6.00
C GLY A 275 -2.51 39.43 4.73
N THR A 276 -2.82 38.19 4.36
CA THR A 276 -3.59 37.90 3.17
C THR A 276 -4.99 38.48 3.27
N PRO A 277 -5.36 39.38 2.34
CA PRO A 277 -6.72 39.93 2.41
C PRO A 277 -7.76 38.84 2.21
N ALA A 278 -8.83 38.86 3.01
CA ALA A 278 -9.89 37.88 2.89
C ALA A 278 -11.25 38.47 3.23
N ARG A 279 -12.30 37.79 2.80
CA ARG A 279 -13.68 38.24 3.00
C ARG A 279 -14.47 37.20 3.76
N MET A 280 -15.09 37.59 4.87
CA MET A 280 -15.85 36.65 5.66
C MET A 280 -17.13 36.21 4.93
N ILE A 281 -17.38 34.90 4.95
CA ILE A 281 -18.59 34.35 4.36
C ILE A 281 -19.51 33.87 5.47
N GLY A 282 -20.68 34.50 5.57
CA GLY A 282 -21.56 34.25 6.68
C GLY A 282 -21.15 35.08 7.88
N GLY A 283 -21.62 34.69 9.07
CA GLY A 283 -21.42 35.50 10.24
C GLY A 283 -20.35 34.94 11.15
N VAL A 284 -19.93 35.74 12.12
CA VAL A 284 -18.89 35.35 13.06
C VAL A 284 -19.26 34.03 13.76
N GLY A 285 -18.28 33.14 13.86
CA GLY A 285 -18.45 31.88 14.56
C GLY A 285 -19.24 30.79 13.86
N GLU A 286 -19.62 30.99 12.61
CA GLU A 286 -20.40 29.97 11.89
C GLU A 286 -19.58 29.23 10.84
N GLY A 287 -18.27 29.43 10.84
CA GLY A 287 -17.38 28.89 9.82
C GLY A 287 -17.45 27.39 9.68
N VAL A 288 -17.35 26.66 10.79
CA VAL A 288 -17.36 25.20 10.76
C VAL A 288 -18.68 24.64 10.23
N LYS A 289 -19.79 25.25 10.62
CA LYS A 289 -21.10 24.81 10.15
C LYS A 289 -21.31 25.12 8.67
N ARG A 290 -20.76 26.24 8.22
CA ARG A 290 -20.95 26.65 6.84
C ARG A 290 -20.16 25.77 5.88
N ILE A 291 -18.95 25.40 6.27
CA ILE A 291 -18.15 24.55 5.41
C ILE A 291 -18.62 23.09 5.57
N ALA A 292 -19.35 22.83 6.64
CA ALA A 292 -19.91 21.50 6.87
C ALA A 292 -20.88 21.10 5.77
N SER A 293 -21.63 22.09 5.27
CA SER A 293 -22.73 21.80 4.34
C SER A 293 -22.23 21.54 2.93
N VAL A 294 -20.94 21.70 2.72
CA VAL A 294 -20.32 21.31 1.47
C VAL A 294 -19.75 19.88 1.47
N LEU A 295 -19.48 19.33 2.66
CA LEU A 295 -18.75 18.06 2.77
C LEU A 295 -19.41 16.89 2.05
N ASN A 296 -20.72 16.93 1.86
CA ASN A 296 -21.38 15.88 1.08
C ASN A 296 -20.76 15.87 -0.32
N ILE A 297 -20.43 17.04 -0.87
CA ILE A 297 -19.85 17.11 -2.22
C ILE A 297 -18.45 16.52 -2.27
N THR A 298 -17.56 16.97 -1.39
CA THR A 298 -16.18 16.52 -1.48
C THR A 298 -16.05 15.05 -1.14
N ARG A 299 -16.87 14.56 -0.22
CA ARG A 299 -16.86 13.16 0.19
CA ARG A 299 -16.76 13.18 0.15
C ARG A 299 -17.38 12.28 -0.94
N ILE A 300 -18.37 12.80 -1.68
CA ILE A 300 -18.88 12.03 -2.80
C ILE A 300 -17.91 12.08 -3.99
N TYR A 301 -17.22 13.18 -4.20
CA TYR A 301 -16.20 13.22 -5.23
C TYR A 301 -15.13 12.14 -4.89
N ASN A 302 -14.69 12.12 -3.64
CA ASN A 302 -13.70 11.16 -3.22
C ASN A 302 -14.14 9.74 -3.44
N SER A 303 -15.40 9.43 -3.16
CA SER A 303 -15.90 8.10 -3.38
C SER A 303 -15.88 7.73 -4.87
N ILE A 304 -16.43 8.61 -5.70
CA ILE A 304 -16.46 8.37 -7.15
C ILE A 304 -15.04 8.21 -7.73
N CYS A 305 -14.11 9.03 -7.25
CA CYS A 305 -12.71 8.91 -7.71
C CYS A 305 -12.09 7.59 -7.24
N ALA A 306 -12.40 7.19 -6.01
CA ALA A 306 -11.91 5.92 -5.49
C ALA A 306 -12.45 4.74 -6.32
N VAL A 307 -13.73 4.80 -6.71
CA VAL A 307 -14.31 3.70 -7.47
C VAL A 307 -13.77 3.72 -8.91
N GLY A 308 -13.54 4.91 -9.46
CA GLY A 308 -12.89 5.02 -10.76
C GLY A 308 -11.50 4.43 -10.74
N HIS A 309 -10.80 4.66 -9.63
CA HIS A 309 -9.48 4.09 -9.41
C HIS A 309 -9.54 2.57 -9.36
N ILE A 310 -10.52 2.02 -8.63
CA ILE A 310 -10.73 0.60 -8.59
C ILE A 310 -10.93 0.05 -10.00
N ARG A 311 -11.74 0.72 -10.80
CA ARG A 311 -12.06 0.27 -12.14
C ARG A 311 -10.80 0.26 -13.02
N ARG A 312 -9.94 1.26 -12.83
CA ARG A 312 -8.68 1.32 -13.59
C ARG A 312 -7.78 0.15 -13.20
N ALA A 313 -7.61 -0.08 -11.91
CA ALA A 313 -6.78 -1.20 -11.45
C ALA A 313 -7.30 -2.53 -11.99
N LEU A 314 -8.63 -2.73 -11.91
CA LEU A 314 -9.21 -3.98 -12.39
C LEU A 314 -9.14 -4.09 -13.92
N ASP A 315 -9.30 -2.98 -14.65
CA ASP A 315 -9.12 -3.03 -16.10
C ASP A 315 -7.73 -3.51 -16.47
N LEU A 316 -6.71 -2.98 -15.78
CA LEU A 316 -5.35 -3.40 -16.03
C LEU A 316 -5.16 -4.87 -15.67
N ALA A 317 -5.69 -5.27 -14.52
CA ALA A 317 -5.56 -6.65 -14.06
C ALA A 317 -6.26 -7.64 -14.99
N GLN A 318 -7.47 -7.27 -15.44
CA GLN A 318 -8.24 -8.16 -16.32
C GLN A 318 -7.50 -8.36 -17.63
N ASP A 319 -6.99 -7.28 -18.19
CA ASP A 319 -6.30 -7.38 -19.47
C ASP A 319 -5.04 -8.23 -19.34
N TYR A 320 -4.25 -8.00 -18.28
CA TYR A 320 -3.04 -8.80 -18.05
C TYR A 320 -3.37 -10.28 -17.85
N SER A 321 -4.50 -10.56 -17.19
CA SER A 321 -4.87 -11.94 -16.87
C SER A 321 -5.18 -12.74 -18.11
N GLY A 322 -5.46 -12.04 -19.20
CA GLY A 322 -5.71 -12.70 -20.47
C GLY A 322 -4.47 -12.75 -21.34
N LYS A 323 -3.33 -12.32 -20.81
CA LYS A 323 -2.09 -12.25 -21.58
C LYS A 323 -0.93 -13.03 -20.94
N ARG A 324 -0.94 -13.15 -19.62
CA ARG A 324 0.13 -13.81 -18.88
C ARG A 324 -0.19 -15.28 -18.64
N GLN A 325 0.74 -16.15 -19.01
CA GLN A 325 0.58 -17.58 -18.75
C GLN A 325 1.53 -18.02 -17.64
N ALA A 326 1.10 -19.02 -16.87
CA ALA A 326 1.95 -19.71 -15.92
C ALA A 326 1.42 -21.12 -15.78
N PHE A 327 2.33 -22.09 -15.69
CA PHE A 327 1.97 -23.49 -15.53
C PHE A 327 1.00 -23.96 -16.63
N GLY A 328 1.22 -23.47 -17.84
CA GLY A 328 0.50 -23.96 -19.01
C GLY A 328 -0.82 -23.27 -19.33
N LYS A 329 -1.26 -22.35 -18.47
CA LYS A 329 -2.53 -21.66 -18.69
C LYS A 329 -2.40 -20.15 -18.52
N LEU A 330 -3.23 -19.40 -19.25
CA LEU A 330 -3.45 -17.99 -18.96
C LEU A 330 -3.97 -17.86 -17.53
N LEU A 331 -3.60 -16.78 -16.85
CA LEU A 331 -4.01 -16.59 -15.47
C LEU A 331 -5.52 -16.64 -15.31
N LYS A 332 -6.26 -16.09 -16.27
CA LYS A 332 -7.72 -16.01 -16.14
C LYS A 332 -8.35 -17.39 -16.12
N ASP A 333 -7.59 -18.40 -16.56
CA ASP A 333 -8.11 -19.77 -16.60
C ASP A 333 -7.65 -20.62 -15.43
N HIS A 334 -6.91 -20.03 -14.49
CA HIS A 334 -6.58 -20.69 -13.24
C HIS A 334 -7.72 -20.38 -12.28
N PRO A 335 -8.41 -21.43 -11.81
CA PRO A 335 -9.58 -21.21 -10.95
C PRO A 335 -9.33 -20.28 -9.76
N LEU A 336 -8.18 -20.40 -9.08
CA LEU A 336 -7.94 -19.56 -7.93
C LEU A 336 -7.73 -18.08 -8.34
N HIS A 337 -7.06 -17.87 -9.48
CA HIS A 337 -6.85 -16.52 -9.97
C HIS A 337 -8.19 -15.91 -10.38
N LYS A 338 -9.00 -16.69 -11.10
CA LYS A 338 -10.33 -16.26 -11.52
C LYS A 338 -11.22 -15.94 -10.32
N SER A 339 -11.15 -16.79 -9.29
CA SER A 339 -11.91 -16.54 -8.07
C SER A 339 -11.51 -15.23 -7.41
N THR A 340 -10.20 -14.94 -7.43
CA THR A 340 -9.70 -13.71 -6.82
C THR A 340 -10.20 -12.49 -7.60
N LEU A 341 -10.08 -12.56 -8.93
CA LEU A 341 -10.63 -11.53 -9.83
C LEU A 341 -12.12 -11.32 -9.59
N ASP A 342 -12.88 -12.41 -9.51
CA ASP A 342 -14.33 -12.31 -9.28
C ASP A 342 -14.66 -11.60 -7.97
N SER A 343 -13.89 -11.90 -6.92
CA SER A 343 -14.09 -11.28 -5.62
C SER A 343 -13.88 -9.77 -5.69
N LEU A 344 -12.81 -9.36 -6.38
CA LEU A 344 -12.53 -7.93 -6.52
C LEU A 344 -13.63 -7.24 -7.33
N GLU A 345 -14.08 -7.89 -8.40
CA GLU A 345 -15.13 -7.32 -9.23
C GLU A 345 -16.44 -7.18 -8.46
N ALA A 346 -16.72 -8.14 -7.59
CA ALA A 346 -17.92 -8.05 -6.78
C ALA A 346 -17.85 -6.84 -5.87
N ASP A 347 -16.67 -6.58 -5.31
CA ASP A 347 -16.49 -5.40 -4.47
C ASP A 347 -16.67 -4.13 -5.31
N PHE A 348 -16.12 -4.12 -6.51
CA PHE A 348 -16.31 -3.01 -7.43
C PHE A 348 -17.80 -2.73 -7.66
N ARG A 349 -18.58 -3.78 -7.89
CA ARG A 349 -19.99 -3.54 -8.23
C ARG A 349 -20.72 -2.94 -7.05
N LYS A 350 -20.38 -3.38 -5.84
CA LYS A 350 -20.95 -2.77 -4.65
C LYS A 350 -20.60 -1.29 -4.57
N CYS A 351 -19.32 -0.98 -4.82
CA CYS A 351 -18.86 0.39 -4.68
C CYS A 351 -19.50 1.32 -5.69
N ILE A 352 -19.61 0.90 -6.94
CA ILE A 352 -20.13 1.83 -7.95
C ILE A 352 -21.65 2.01 -7.78
N ALA A 353 -22.36 0.96 -7.40
CA ALA A 353 -23.79 1.10 -7.15
C ALA A 353 -24.06 2.03 -5.94
N PHE A 354 -23.35 1.77 -4.85
CA PHE A 354 -23.45 2.59 -3.64
C PHE A 354 -23.15 4.06 -3.99
N SER A 355 -22.09 4.30 -4.75
CA SER A 355 -21.69 5.67 -5.06
C SER A 355 -22.73 6.45 -5.86
N PHE A 356 -23.28 5.82 -6.88
CA PHE A 356 -24.24 6.51 -7.74
C PHE A 356 -25.61 6.62 -7.09
N PHE A 357 -25.95 5.70 -6.21
CA PHE A 357 -27.15 5.83 -5.39
C PHE A 357 -27.08 7.12 -4.57
N VAL A 358 -25.92 7.35 -3.97
CA VAL A 358 -25.71 8.52 -3.12
C VAL A 358 -25.59 9.79 -3.95
N ALA A 359 -24.92 9.71 -5.09
CA ALA A 359 -24.85 10.83 -6.02
C ALA A 359 -26.25 11.30 -6.42
N ASN A 360 -27.14 10.34 -6.66
CA ASN A 360 -28.51 10.68 -7.03
C ASN A 360 -29.23 11.40 -5.89
N LEU A 361 -29.01 10.98 -4.65
CA LEU A 361 -29.56 11.68 -3.49
C LEU A 361 -29.04 13.11 -3.40
N LEU A 362 -27.76 13.31 -3.73
CA LEU A 362 -27.20 14.64 -3.69
C LEU A 362 -27.89 15.52 -4.72
N GLY A 363 -28.11 14.98 -5.92
CA GLY A 363 -28.79 15.71 -6.98
C GLY A 363 -30.18 16.13 -6.56
N GLN A 364 -30.91 15.20 -5.95
CA GLN A 364 -32.26 15.48 -5.42
C GLN A 364 -32.24 16.66 -4.47
N GLU A 365 -31.30 16.66 -3.54
CA GLU A 365 -31.19 17.74 -2.56
C GLU A 365 -30.85 19.07 -3.22
N GLU A 366 -29.96 19.03 -4.20
CA GLU A 366 -29.49 20.27 -4.82
C GLU A 366 -30.59 20.93 -5.65
N VAL A 367 -31.54 20.15 -6.14
CA VAL A 367 -32.64 20.72 -6.93
C VAL A 367 -33.91 20.88 -6.11
N GLY A 368 -33.80 20.70 -4.79
CA GLY A 368 -34.93 20.97 -3.91
C GLY A 368 -36.01 19.90 -3.86
N GLU A 369 -35.65 18.69 -4.28
CA GLU A 369 -36.61 17.59 -4.33
C GLU A 369 -36.50 16.63 -3.15
N ALA A 370 -35.53 16.87 -2.27
CA ALA A 370 -35.30 15.98 -1.15
C ALA A 370 -36.22 16.30 0.02
N SER A 371 -36.82 15.26 0.60
CA SER A 371 -37.61 15.42 1.81
C SER A 371 -36.67 15.65 2.99
N ALA A 372 -37.24 16.03 4.13
CA ALA A 372 -36.46 16.28 5.33
C ALA A 372 -35.68 15.03 5.74
N SER A 373 -36.34 13.89 5.69
CA SER A 373 -35.73 12.63 6.10
C SER A 373 -34.63 12.21 5.12
N GLU A 374 -34.88 12.43 3.83
CA GLU A 374 -33.90 12.14 2.80
C GLU A 374 -32.63 12.97 2.96
N LYS A 375 -32.77 14.21 3.41
CA LYS A 375 -31.59 15.07 3.65
C LYS A 375 -30.76 14.50 4.77
N ILE A 376 -31.44 13.94 5.76
CA ILE A 376 -30.78 13.31 6.90
C ILE A 376 -30.13 12.00 6.46
N LEU A 377 -30.82 11.24 5.62
CA LEU A 377 -30.27 9.99 5.10
C LEU A 377 -28.97 10.26 4.32
N LEU A 378 -28.98 11.31 3.49
CA LEU A 378 -27.80 11.68 2.71
C LEU A 378 -26.62 12.02 3.64
N ARG A 379 -26.93 12.73 4.72
CA ARG A 379 -25.93 13.13 5.69
C ARG A 379 -25.32 11.91 6.38
N VAL A 380 -26.12 10.86 6.57
CA VAL A 380 -25.62 9.65 7.22
C VAL A 380 -24.81 8.79 6.23
N LEU A 381 -25.26 8.77 4.97
CA LEU A 381 -24.66 7.87 4.00
C LEU A 381 -23.32 8.37 3.46
N THR A 382 -23.13 9.69 3.35
CA THR A 382 -21.90 10.16 2.70
C THR A 382 -20.61 9.79 3.46
N PRO A 383 -20.56 9.95 4.80
CA PRO A 383 -19.32 9.49 5.42
C PRO A 383 -19.11 7.98 5.28
N ILE A 384 -20.20 7.22 5.32
CA ILE A 384 -20.09 5.78 5.12
C ILE A 384 -19.57 5.45 3.72
N LEU A 385 -20.17 6.06 2.71
CA LEU A 385 -19.75 5.86 1.33
C LEU A 385 -18.27 6.15 1.17
N LYS A 386 -17.84 7.27 1.74
CA LYS A 386 -16.45 7.69 1.58
C LYS A 386 -15.50 6.67 2.20
N LEU A 387 -15.74 6.29 3.46
CA LEU A 387 -14.79 5.40 4.13
C LEU A 387 -14.82 4.01 3.51
N TYR A 388 -16.01 3.58 3.05
CA TYR A 388 -16.19 2.26 2.45
C TYR A 388 -15.46 2.13 1.12
N THR A 389 -15.71 3.05 0.20
CA THR A 389 -15.05 2.99 -1.12
C THR A 389 -13.54 3.19 -0.98
N ALA A 390 -13.10 4.02 -0.03
CA ALA A 390 -11.66 4.25 0.12
C ALA A 390 -10.95 2.98 0.58
N LYS A 391 -11.51 2.29 1.59
CA LYS A 391 -10.88 1.06 2.07
C LYS A 391 -10.85 -0.01 1.00
N LYS A 392 -11.97 -0.16 0.28
CA LYS A 392 -12.03 -1.11 -0.82
C LYS A 392 -10.99 -0.77 -1.90
N SER A 393 -10.79 0.51 -2.18
CA SER A 393 -9.86 0.90 -3.26
C SER A 393 -8.43 0.52 -2.91
N ILE A 394 -8.07 0.64 -1.64
CA ILE A 394 -6.75 0.25 -1.17
C ILE A 394 -6.56 -1.26 -1.21
N HIS A 395 -7.56 -2.00 -0.69
CA HIS A 395 -7.49 -3.46 -0.74
C HIS A 395 -7.36 -3.97 -2.15
N ILE A 396 -8.19 -3.45 -3.05
CA ILE A 396 -8.19 -3.91 -4.43
C ILE A 396 -6.88 -3.53 -5.13
N SER A 397 -6.40 -2.31 -4.89
CA SER A 397 -5.15 -1.89 -5.52
C SER A 397 -3.99 -2.78 -5.09
N SER A 398 -3.93 -3.09 -3.79
CA SER A 398 -2.86 -3.97 -3.31
C SER A 398 -2.95 -5.36 -3.93
N GLU A 399 -4.17 -5.90 -4.00
CA GLU A 399 -4.31 -7.20 -4.65
C GLU A 399 -3.91 -7.14 -6.13
N VAL A 400 -4.23 -6.04 -6.83
CA VAL A 400 -3.84 -5.93 -8.23
C VAL A 400 -2.32 -5.81 -8.41
N VAL A 401 -1.64 -5.06 -7.54
CA VAL A 401 -0.17 -5.02 -7.58
C VAL A 401 0.39 -6.44 -7.50
N GLU A 402 -0.13 -7.23 -6.57
CA GLU A 402 0.33 -8.60 -6.40
C GLU A 402 -0.03 -9.50 -7.60
N MET A 403 -1.17 -9.24 -8.24
CA MET A 403 -1.56 -10.02 -9.42
C MET A 403 -0.58 -9.87 -10.57
N PHE A 404 0.16 -8.76 -10.60
CA PHE A 404 1.18 -8.58 -11.63
C PHE A 404 2.53 -9.22 -11.27
N GLY A 405 2.60 -9.84 -10.09
CA GLY A 405 3.84 -10.48 -9.65
C GLY A 405 4.94 -9.43 -9.49
N GLY A 406 6.18 -9.81 -9.74
CA GLY A 406 7.30 -8.90 -9.58
C GLY A 406 7.16 -7.60 -10.35
N ALA A 407 6.61 -7.70 -11.56
CA ALA A 407 6.36 -6.52 -12.39
C ALA A 407 5.47 -5.50 -11.69
N GLY A 408 4.56 -5.97 -10.85
CA GLY A 408 3.67 -5.07 -10.13
C GLY A 408 4.40 -4.15 -9.16
N TYR A 409 5.61 -4.54 -8.78
CA TYR A 409 6.40 -3.81 -7.79
C TYR A 409 7.38 -2.85 -8.45
N VAL A 410 7.36 -2.79 -9.78
CA VAL A 410 8.34 -1.98 -10.51
C VAL A 410 7.65 -0.79 -11.17
N GLU A 411 8.15 0.42 -10.88
CA GLU A 411 7.40 1.62 -11.20
C GLU A 411 7.15 1.87 -12.68
N ASP A 412 8.07 1.50 -13.57
CA ASP A 412 7.87 1.83 -14.98
C ASP A 412 6.72 1.05 -15.62
N THR A 413 6.16 0.04 -14.92
CA THR A 413 4.99 -0.65 -15.45
C THR A 413 3.70 0.14 -15.22
N GLY A 414 3.77 1.13 -14.34
CA GLY A 414 2.63 1.93 -13.94
C GLY A 414 1.77 1.29 -12.87
N ILE A 415 2.14 0.08 -12.42
CA ILE A 415 1.29 -0.65 -11.49
C ILE A 415 1.47 -0.20 -10.01
N PRO A 416 2.72 0.03 -9.53
CA PRO A 416 2.85 0.48 -8.13
C PRO A 416 2.06 1.76 -7.80
N ARG A 417 1.94 2.65 -8.79
CA ARG A 417 1.15 3.87 -8.61
C ARG A 417 -0.27 3.57 -8.11
N LEU A 418 -0.84 2.44 -8.54
CA LEU A 418 -2.19 2.08 -8.11
C LEU A 418 -2.29 2.04 -6.58
N LEU A 419 -1.30 1.44 -5.94
CA LEU A 419 -1.32 1.36 -4.48
C LEU A 419 -0.98 2.70 -3.85
N ARG A 420 0.07 3.34 -4.35
CA ARG A 420 0.50 4.60 -3.72
C ARG A 420 -0.58 5.66 -3.76
N ASP A 421 -1.25 5.77 -4.90
CA ASP A 421 -2.33 6.76 -5.02
C ASP A 421 -3.58 6.33 -4.22
N ALA A 422 -3.96 5.05 -4.25
CA ALA A 422 -5.16 4.62 -3.53
C ALA A 422 -5.07 4.96 -2.06
N GLN A 423 -3.88 4.84 -1.49
CA GLN A 423 -3.72 4.99 -0.04
C GLN A 423 -4.16 6.42 0.39
N VAL A 424 -4.20 7.39 -0.51
CA VAL A 424 -4.64 8.71 -0.11
C VAL A 424 -6.14 8.80 0.20
N PHE A 425 -6.89 7.94 -0.44
CA PHE A 425 -8.33 8.00 -0.33
C PHE A 425 -8.86 7.83 1.05
N SER A 426 -8.15 7.11 1.89
CA SER A 426 -8.60 6.90 3.23
C SER A 426 -8.03 7.88 4.23
N ILE A 427 -7.31 8.88 3.75
CA ILE A 427 -6.70 9.87 4.60
C ILE A 427 -7.30 11.24 4.43
N TRP A 428 -7.27 11.79 3.23
CA TRP A 428 -7.83 13.11 3.05
C TRP A 428 -9.34 13.09 3.16
N GLU A 429 -9.86 14.18 3.68
CA GLU A 429 -11.27 14.32 3.89
C GLU A 429 -11.82 13.37 4.93
N GLY A 430 -10.97 12.85 5.80
CA GLY A 430 -11.40 12.00 6.90
C GLY A 430 -10.90 10.57 6.84
N THR A 431 -10.26 10.13 7.92
CA THR A 431 -9.87 8.73 8.04
C THR A 431 -11.08 7.83 8.27
N THR A 432 -10.86 6.52 8.15
CA THR A 432 -11.91 5.55 8.35
C THR A 432 -12.53 5.78 9.71
N ASN A 433 -11.68 5.96 10.73
CA ASN A 433 -12.24 6.04 12.09
C ASN A 433 -12.93 7.37 12.36
N VAL A 434 -12.38 8.47 11.86
CA VAL A 434 -13.04 9.76 12.04
C VAL A 434 -14.40 9.80 11.34
N LEU A 435 -14.49 9.23 10.14
CA LEU A 435 -15.77 9.22 9.44
C LEU A 435 -16.73 8.23 10.07
N SER A 436 -16.23 7.13 10.65
CA SER A 436 -17.11 6.21 11.37
C SER A 436 -17.74 6.88 12.57
N LEU A 437 -16.96 7.72 13.24
CA LEU A 437 -17.49 8.46 14.38
C LEU A 437 -18.45 9.57 13.95
N ASP A 438 -18.19 10.20 12.82
CA ASP A 438 -19.12 11.17 12.25
C ASP A 438 -20.49 10.52 11.99
N MET A 439 -20.46 9.32 11.42
CA MET A 439 -21.64 8.50 11.25
C MET A 439 -22.39 8.27 12.57
N LEU A 440 -21.65 7.84 13.60
CA LEU A 440 -22.27 7.55 14.90
C LEU A 440 -22.91 8.77 15.50
N ARG A 441 -22.21 9.89 15.36
CA ARG A 441 -22.64 11.19 15.84
C ARG A 441 -23.98 11.58 15.19
N ALA A 442 -24.05 11.32 13.88
CA ALA A 442 -25.24 11.67 13.11
C ALA A 442 -26.47 10.96 13.64
N PHE A 443 -26.30 9.71 14.08
CA PHE A 443 -27.39 8.90 14.62
C PHE A 443 -28.07 9.62 15.77
N GLU A 444 -27.26 10.34 16.56
CA GLU A 444 -27.72 10.98 17.79
C GLU A 444 -28.70 12.12 17.55
N LYS A 445 -28.66 12.69 16.35
CA LYS A 445 -29.42 13.90 16.06
C LYS A 445 -30.49 13.68 14.99
N ASP A 446 -31.61 14.39 15.11
CA ASP A 446 -32.66 14.39 14.09
C ASP A 446 -33.22 13.01 13.79
N GLN A 447 -33.21 12.14 14.79
CA GLN A 447 -33.64 10.76 14.65
C GLN A 447 -33.04 10.08 13.41
N ALA A 448 -31.75 10.32 13.18
CA ALA A 448 -31.09 9.78 11.98
C ALA A 448 -31.01 8.26 11.99
N GLY A 449 -30.77 7.68 13.16
CA GLY A 449 -30.74 6.24 13.31
C GLY A 449 -32.02 5.57 12.85
N GLN A 450 -33.17 6.12 13.23
CA GLN A 450 -34.46 5.57 12.87
C GLN A 450 -34.78 5.76 11.39
N ILE A 451 -34.40 6.90 10.83
CA ILE A 451 -34.59 7.15 9.41
C ILE A 451 -33.81 6.11 8.60
N LEU A 452 -32.59 5.83 9.03
CA LEU A 452 -31.74 4.84 8.39
C LEU A 452 -32.41 3.46 8.49
N GLU A 453 -32.87 3.11 9.69
CA GLU A 453 -33.51 1.80 9.85
C GLU A 453 -34.77 1.66 8.99
N GLN A 454 -35.61 2.70 8.94
CA GLN A 454 -36.80 2.64 8.10
C GLN A 454 -36.45 2.45 6.63
N PHE A 455 -35.39 3.12 6.18
CA PHE A 455 -34.95 2.96 4.81
C PHE A 455 -34.49 1.52 4.54
N LEU A 456 -33.71 0.95 5.45
CA LEU A 456 -33.20 -0.40 5.24
C LEU A 456 -34.32 -1.43 5.26
N VAL A 457 -35.28 -1.23 6.16
CA VAL A 457 -36.42 -2.16 6.24
C VAL A 457 -37.28 -2.07 4.98
N LEU A 458 -37.62 -0.83 4.60
CA LEU A 458 -38.42 -0.58 3.40
C LEU A 458 -37.78 -1.20 2.17
N ASN A 459 -36.47 -1.02 2.02
CA ASN A 459 -35.78 -1.51 0.84
C ASN A 459 -35.27 -2.94 0.97
N GLU A 460 -35.78 -3.67 1.96
CA GLU A 460 -35.54 -5.10 2.11
C GLU A 460 -34.09 -5.50 2.27
N ALA A 461 -33.36 -4.81 3.15
CA ALA A 461 -32.06 -5.26 3.57
C ALA A 461 -32.17 -6.69 4.14
N GLY A 462 -31.07 -7.42 4.19
CA GLY A 462 -31.08 -8.78 4.68
C GLY A 462 -31.49 -8.86 6.14
N SER A 463 -32.36 -9.80 6.49
CA SER A 463 -32.78 -9.99 7.89
C SER A 463 -31.57 -10.17 8.82
N GLU A 464 -30.59 -10.97 8.42
CA GLU A 464 -29.42 -11.17 9.25
C GLU A 464 -28.70 -9.86 9.56
N GLU A 465 -28.38 -9.09 8.53
CA GLU A 465 -27.71 -7.81 8.71
C GLU A 465 -28.58 -6.81 9.49
N LEU A 466 -29.89 -6.84 9.29
CA LEU A 466 -30.79 -5.96 10.04
C LEU A 466 -30.70 -6.26 11.54
N VAL A 467 -30.82 -7.54 11.88
CA VAL A 467 -30.77 -7.95 13.27
C VAL A 467 -29.40 -7.68 13.89
N ARG A 468 -28.32 -7.91 13.15
CA ARG A 468 -26.98 -7.62 13.66
C ARG A 468 -26.82 -6.12 13.91
N LEU A 469 -27.33 -5.30 13.01
CA LEU A 469 -27.29 -3.85 13.20
C LEU A 469 -28.04 -3.43 14.46
N GLN A 470 -29.22 -4.03 14.66
CA GLN A 470 -30.01 -3.69 15.82
C GLN A 470 -29.22 -4.03 17.08
N LYS A 471 -28.49 -5.15 17.05
CA LYS A 471 -27.69 -5.53 18.21
C LYS A 471 -26.57 -4.56 18.48
N LEU A 472 -25.87 -4.17 17.43
CA LEU A 472 -24.76 -3.26 17.58
C LEU A 472 -25.22 -1.93 18.13
N LEU A 473 -26.39 -1.50 17.71
CA LEU A 473 -26.87 -0.18 18.10
C LEU A 473 -27.44 -0.17 19.52
N THR A 474 -27.57 -1.34 20.14
CA THR A 474 -28.02 -1.40 21.54
C THR A 474 -26.86 -1.49 22.52
N LEU A 475 -25.64 -1.46 22.00
CA LEU A 475 -24.46 -1.55 22.85
C LEU A 475 -24.27 -0.23 23.61
N SER A 476 -23.41 -0.25 24.61
CA SER A 476 -23.08 0.98 25.35
C SER A 476 -22.46 2.02 24.41
N GLY A 477 -22.44 3.28 24.83
CA GLY A 477 -21.79 4.35 24.09
C GLY A 477 -20.36 3.97 23.73
N GLU A 478 -19.66 3.44 24.72
CA GLU A 478 -18.26 3.07 24.55
C GLU A 478 -18.08 1.95 23.55
N GLN A 479 -18.94 0.95 23.64
CA GLN A 479 -18.85 -0.20 22.74
C GLN A 479 -19.30 0.14 21.33
N LYS A 480 -20.25 1.06 21.19
CA LYS A 480 -20.64 1.48 19.83
C LYS A 480 -19.48 2.19 19.14
N GLU A 481 -18.72 2.99 19.90
CA GLU A 481 -17.52 3.63 19.33
C GLU A 481 -16.51 2.58 18.95
N GLN A 482 -16.29 1.59 19.82
CA GLN A 482 -15.33 0.52 19.52
C GLN A 482 -15.74 -0.27 18.28
N HIS A 483 -17.04 -0.39 18.04
CA HIS A 483 -17.57 -1.14 16.90
C HIS A 483 -17.99 -0.23 15.75
N ALA A 484 -17.52 1.02 15.75
CA ALA A 484 -18.04 1.99 14.78
C ALA A 484 -17.71 1.57 13.34
N ARG A 485 -16.52 1.01 13.13
CA ARG A 485 -16.17 0.50 11.80
C ARG A 485 -17.09 -0.62 11.36
N GLU A 486 -17.36 -1.57 12.25
CA GLU A 486 -18.22 -2.68 11.91
C GLU A 486 -19.59 -2.17 11.51
N ILE A 487 -20.10 -1.22 12.29
CA ILE A 487 -21.40 -0.65 11.99
C ILE A 487 -21.38 0.01 10.61
N ALA A 488 -20.34 0.81 10.33
CA ALA A 488 -20.26 1.51 9.05
C ALA A 488 -20.23 0.55 7.86
N PHE A 489 -19.43 -0.51 7.97
CA PHE A 489 -19.32 -1.45 6.86
C PHE A 489 -20.57 -2.33 6.72
N LEU A 490 -21.22 -2.64 7.83
CA LEU A 490 -22.49 -3.35 7.76
C LEU A 490 -23.49 -2.52 6.96
N ILE A 491 -23.62 -1.24 7.30
CA ILE A 491 -24.55 -0.36 6.60
C ILE A 491 -24.14 -0.17 5.13
N GLY A 492 -22.85 0.08 4.91
CA GLY A 492 -22.36 0.23 3.56
C GLY A 492 -22.66 -0.97 2.68
N ASN A 493 -22.39 -2.17 3.18
CA ASN A 493 -22.70 -3.37 2.41
C ASN A 493 -24.20 -3.54 2.15
N ALA A 494 -25.01 -3.19 3.15
CA ALA A 494 -26.46 -3.32 2.99
C ALA A 494 -26.98 -2.35 1.91
N VAL A 495 -26.51 -1.10 1.96
CA VAL A 495 -26.95 -0.12 0.98
C VAL A 495 -26.41 -0.47 -0.41
N ALA A 496 -25.17 -0.93 -0.47
CA ALA A 496 -24.58 -1.35 -1.74
C ALA A 496 -25.41 -2.46 -2.39
N ARG A 497 -25.84 -3.44 -1.59
CA ARG A 497 -26.68 -4.53 -2.12
C ARG A 497 -28.04 -4.04 -2.59
N ILE A 498 -28.64 -3.13 -1.82
CA ILE A 498 -29.90 -2.50 -2.21
C ILE A 498 -29.74 -1.76 -3.54
N ALA A 499 -28.65 -1.00 -3.67
CA ALA A 499 -28.42 -0.24 -4.87
C ALA A 499 -28.17 -1.15 -6.07
N MET A 500 -27.41 -2.23 -5.86
CA MET A 500 -27.13 -3.15 -6.96
C MET A 500 -28.41 -3.78 -7.50
N LYS A 501 -29.30 -4.19 -6.60
CA LYS A 501 -30.57 -4.77 -7.04
C LYS A 501 -31.40 -3.73 -7.81
N LYS A 502 -31.43 -2.51 -7.28
CA LYS A 502 -32.15 -1.41 -7.91
C LYS A 502 -31.67 -1.12 -9.34
N TYR A 503 -30.37 -1.29 -9.58
CA TYR A 503 -29.78 -0.98 -10.87
C TYR A 503 -29.56 -2.24 -11.72
N SER A 504 -30.03 -3.37 -11.22
CA SER A 504 -29.85 -4.67 -11.88
C SER A 504 -28.37 -5.00 -12.15
N LEU A 505 -27.52 -4.76 -11.16
CA LEU A 505 -26.11 -5.17 -11.25
C LEU A 505 -25.89 -6.53 -10.61
N ASN B 3 4.77 28.79 17.65
CA ASN B 3 3.60 28.12 18.19
C ASN B 3 3.87 26.62 18.33
N PHE B 4 2.91 25.81 17.91
CA PHE B 4 2.84 24.38 18.16
C PHE B 4 3.56 23.60 17.09
N TYR B 5 4.35 22.62 17.53
CA TYR B 5 4.91 21.61 16.65
C TYR B 5 4.64 20.25 17.25
N GLN B 6 4.11 19.35 16.44
CA GLN B 6 3.81 17.99 16.87
C GLN B 6 5.10 17.20 17.13
N ASP B 7 5.16 16.52 18.27
CA ASP B 7 6.23 15.58 18.54
C ASP B 7 6.02 14.32 17.72
N GLY B 8 7.03 13.97 16.92
CA GLY B 8 6.97 12.76 16.10
C GLY B 8 7.28 11.50 16.88
N PRO B 9 7.06 10.32 16.25
CA PRO B 9 7.27 9.05 16.94
C PRO B 9 8.74 8.76 17.23
N GLN B 10 8.98 8.06 18.33
CA GLN B 10 10.33 7.67 18.74
C GLN B 10 10.33 6.22 19.11
N LEU B 11 11.42 5.53 18.78
CA LEU B 11 11.59 4.13 19.12
C LEU B 11 12.44 3.96 20.38
N SER B 12 12.32 2.79 20.98
CA SER B 12 13.15 2.41 22.12
C SER B 12 13.67 0.99 21.90
N ASN B 13 14.74 0.62 22.60
CA ASN B 13 15.38 -0.72 22.50
C ASN B 13 14.36 -1.81 22.19
N THR B 14 14.52 -2.47 21.04
CA THR B 14 13.45 -3.29 20.51
C THR B 14 13.49 -4.74 21.04
N PHE B 15 14.48 -5.04 21.88
CA PHE B 15 14.38 -6.25 22.69
C PHE B 15 13.55 -5.96 23.93
N ARG B 16 13.89 -4.89 24.64
CA ARG B 16 13.22 -4.58 25.90
C ARG B 16 11.76 -4.15 25.71
N SER B 17 11.44 -3.65 24.53
CA SER B 17 10.08 -3.17 24.28
C SER B 17 9.13 -4.27 23.81
N ASP B 18 9.66 -5.47 23.59
CA ASP B 18 8.89 -6.54 22.96
C ASP B 18 8.59 -7.70 23.93
N GLU B 19 7.49 -7.61 24.67
CA GLU B 19 7.16 -8.67 25.63
C GLU B 19 6.84 -10.00 24.97
N ALA B 20 6.24 -9.96 23.78
CA ALA B 20 5.92 -11.19 23.07
C ALA B 20 7.19 -11.97 22.68
N LEU B 21 8.19 -11.26 22.15
CA LEU B 21 9.47 -11.91 21.81
C LEU B 21 10.10 -12.55 23.05
N GLN B 22 10.10 -11.82 24.16
CA GLN B 22 10.71 -12.32 25.38
C GLN B 22 10.00 -13.57 25.92
N LYS B 23 8.67 -13.57 25.89
CA LYS B 23 7.90 -14.74 26.31
C LYS B 23 8.17 -15.96 25.42
N ILE B 24 8.23 -15.73 24.11
CA ILE B 24 8.50 -16.83 23.19
C ILE B 24 9.87 -17.44 23.47
N LEU B 25 10.88 -16.59 23.68
CA LEU B 25 12.23 -17.08 23.92
C LEU B 25 12.37 -17.76 25.29
N LYS B 26 11.62 -17.29 26.28
CA LYS B 26 11.63 -17.98 27.57
C LYS B 26 11.06 -19.39 27.43
N SER B 27 10.21 -19.60 26.44
CA SER B 27 9.66 -20.92 26.17
C SER B 27 10.57 -21.79 25.29
N LEU B 28 11.23 -21.19 24.31
CA LEU B 28 11.95 -21.96 23.31
C LEU B 28 13.44 -22.12 23.58
N LEU B 29 14.02 -21.21 24.35
CA LEU B 29 15.44 -21.29 24.60
C LEU B 29 15.69 -21.96 25.94
N PRO B 30 16.51 -23.02 25.92
CA PRO B 30 16.98 -23.60 27.19
C PRO B 30 17.90 -22.61 27.92
N ALA B 31 18.12 -22.86 29.21
CA ALA B 31 18.86 -21.95 30.07
C ALA B 31 20.23 -21.56 29.51
N ASP B 32 20.97 -22.53 28.97
CA ASP B 32 22.31 -22.23 28.46
C ASP B 32 22.26 -21.30 27.23
N ALA B 33 21.28 -21.51 26.36
CA ALA B 33 21.09 -20.64 25.20
C ALA B 33 20.71 -19.22 25.65
N GLN B 34 19.84 -19.12 26.65
CA GLN B 34 19.42 -17.81 27.16
C GLN B 34 20.56 -16.96 27.68
N LYS B 35 21.55 -17.58 28.32
CA LYS B 35 22.60 -16.77 28.94
C LYS B 35 23.55 -16.20 27.90
N VAL B 36 23.56 -16.79 26.70
CA VAL B 36 24.29 -16.21 25.57
C VAL B 36 23.38 -15.26 24.78
N ALA B 37 22.18 -15.73 24.48
CA ALA B 37 21.31 -15.05 23.53
C ALA B 37 20.68 -13.77 24.07
N LEU B 38 20.17 -13.79 25.30
CA LEU B 38 19.46 -12.61 25.79
C LEU B 38 20.35 -11.34 25.89
N PRO B 39 21.59 -11.46 26.39
CA PRO B 39 22.44 -10.26 26.35
C PRO B 39 22.74 -9.79 24.92
N HIS B 40 22.95 -10.74 24.01
CA HIS B 40 23.19 -10.43 22.61
C HIS B 40 21.99 -9.69 22.02
N LEU B 41 20.80 -10.19 22.30
CA LEU B 41 19.58 -9.57 21.76
C LEU B 41 19.31 -8.19 22.33
N GLU B 42 19.63 -7.97 23.61
CA GLU B 42 19.44 -6.65 24.20
C GLU B 42 20.40 -5.65 23.55
N HIS B 43 21.62 -6.11 23.28
CA HIS B 43 22.62 -5.31 22.58
C HIS B 43 22.13 -4.97 21.17
N LEU B 44 21.63 -5.97 20.45
CA LEU B 44 21.14 -5.74 19.08
C LEU B 44 19.91 -4.84 19.06
N GLY B 45 19.03 -5.01 20.04
CA GLY B 45 17.86 -4.16 20.19
C GLY B 45 18.21 -2.69 20.35
N GLU B 46 19.37 -2.42 20.96
CA GLU B 46 19.83 -1.05 21.11
C GLU B 46 20.38 -0.51 19.79
N ARG B 47 21.13 -1.36 19.08
CA ARG B 47 21.64 -0.96 17.78
C ARG B 47 20.49 -0.67 16.82
N ALA B 48 19.42 -1.45 16.93
CA ALA B 48 18.30 -1.29 16.00
C ALA B 48 17.67 0.09 16.06
N VAL B 49 17.81 0.78 17.20
CA VAL B 49 17.19 2.08 17.31
C VAL B 49 18.24 3.18 17.38
N THR B 50 19.50 2.83 17.15
CA THR B 50 20.56 3.85 17.15
C THR B 50 21.36 3.83 15.85
N ASP B 51 22.54 3.19 15.82
CA ASP B 51 23.38 3.33 14.62
C ASP B 51 22.76 2.64 13.40
N MET B 52 22.10 1.50 13.58
CA MET B 52 21.45 0.85 12.43
C MET B 52 20.31 1.69 11.87
N LEU B 53 19.56 2.32 12.76
CA LEU B 53 18.42 3.12 12.33
C LEU B 53 18.90 4.25 11.41
N THR B 54 20.01 4.88 11.80
CA THR B 54 20.60 5.96 11.02
C THR B 54 21.12 5.46 9.67
N TRP B 55 21.83 4.33 9.69
CA TRP B 55 22.37 3.74 8.46
C TRP B 55 21.26 3.33 7.50
N ALA B 56 20.18 2.79 8.04
CA ALA B 56 19.06 2.37 7.21
C ALA B 56 18.39 3.58 6.57
N GLN B 57 18.26 4.68 7.33
CA GLN B 57 17.70 5.90 6.77
C GLN B 57 18.59 6.44 5.65
N GLU B 58 19.90 6.38 5.84
CA GLU B 58 20.84 6.82 4.82
CA GLU B 58 20.86 6.81 4.81
C GLU B 58 20.72 5.98 3.54
N ALA B 59 20.57 4.67 3.71
CA ALA B 59 20.50 3.77 2.55
C ALA B 59 19.20 4.01 1.77
N GLU B 60 18.08 4.15 2.50
CA GLU B 60 16.80 4.44 1.88
C GLU B 60 16.86 5.76 1.10
N SER B 61 17.60 6.72 1.65
CA SER B 61 17.68 8.06 1.05
C SER B 61 18.62 8.13 -0.15
N GLN B 62 19.50 7.15 -0.25
CA GLN B 62 20.48 7.12 -1.33
C GLN B 62 20.50 5.75 -2.01
N PRO B 63 19.48 5.51 -2.84
CA PRO B 63 19.38 4.21 -3.51
C PRO B 63 20.60 3.92 -4.36
N PRO B 64 20.87 2.62 -4.61
CA PRO B 64 22.03 2.27 -5.45
C PRO B 64 21.94 2.81 -6.88
N VAL B 65 23.11 3.05 -7.46
CA VAL B 65 23.20 3.58 -8.81
C VAL B 65 24.09 2.72 -9.67
N HIS B 66 23.59 2.36 -10.85
CA HIS B 66 24.35 1.58 -11.83
C HIS B 66 25.27 2.48 -12.65
N VAL B 67 26.55 2.09 -12.71
CA VAL B 67 27.55 2.75 -13.55
C VAL B 67 28.07 1.72 -14.56
N PRO B 68 27.45 1.64 -15.74
CA PRO B 68 27.83 0.57 -16.67
C PRO B 68 29.24 0.72 -17.24
N PHE B 69 29.65 1.95 -17.55
CA PHE B 69 30.91 2.20 -18.22
C PHE B 69 31.80 3.13 -17.41
N ASP B 70 33.11 2.86 -17.44
CA ASP B 70 34.05 3.81 -16.85
C ASP B 70 34.21 4.98 -17.84
N PRO B 71 34.93 6.04 -17.43
CA PRO B 71 34.96 7.22 -18.30
C PRO B 71 35.67 7.02 -19.66
N TRP B 72 36.33 5.89 -19.86
CA TRP B 72 37.04 5.59 -21.10
C TRP B 72 36.41 4.45 -21.93
N GLY B 73 35.21 4.06 -21.55
CA GLY B 73 34.41 3.15 -22.34
C GLY B 73 34.47 1.70 -21.94
N ARG B 74 35.24 1.40 -20.90
CA ARG B 74 35.28 0.02 -20.39
C ARG B 74 33.99 -0.33 -19.68
N ARG B 75 33.44 -1.49 -20.00
CA ARG B 75 32.27 -1.99 -19.30
C ARG B 75 32.67 -2.50 -17.93
N ILE B 76 32.20 -1.82 -16.89
CA ILE B 76 32.56 -2.18 -15.54
C ILE B 76 31.34 -2.65 -14.73
N ASP B 77 30.15 -2.16 -15.09
CA ASP B 77 28.91 -2.49 -14.37
C ASP B 77 29.05 -2.40 -12.86
N ASP B 78 29.57 -1.29 -12.39
CA ASP B 78 29.64 -0.99 -10.97
C ASP B 78 28.25 -0.65 -10.45
N ILE B 79 28.02 -0.95 -9.18
CA ILE B 79 26.85 -0.44 -8.48
C ILE B 79 27.32 0.38 -7.29
N LYS B 80 27.05 1.68 -7.32
CA LYS B 80 27.43 2.54 -6.21
C LYS B 80 26.39 2.44 -5.10
N THR B 81 26.83 2.20 -3.88
CA THR B 81 25.92 2.13 -2.73
C THR B 81 26.32 3.12 -1.64
N SER B 82 25.40 3.38 -0.72
CA SER B 82 25.69 4.27 0.39
C SER B 82 26.61 3.63 1.42
N HIS B 83 27.28 4.48 2.20
CA HIS B 83 28.04 3.97 3.33
C HIS B 83 27.14 3.22 4.30
N GLY B 84 25.93 3.73 4.48
CA GLY B 84 24.98 3.08 5.38
C GLY B 84 24.68 1.64 5.00
N TRP B 85 24.50 1.41 3.70
CA TRP B 85 24.25 0.06 3.19
C TRP B 85 25.42 -0.85 3.51
N LYS B 86 26.63 -0.35 3.25
CA LYS B 86 27.83 -1.14 3.56
C LYS B 86 27.96 -1.42 5.04
N ALA B 87 27.58 -0.44 5.86
CA ALA B 87 27.65 -0.61 7.31
C ALA B 87 26.67 -1.68 7.79
N LEU B 88 25.49 -1.75 7.18
CA LEU B 88 24.50 -2.74 7.60
C LEU B 88 24.93 -4.15 7.22
N GLU B 89 25.68 -4.27 6.13
CA GLU B 89 26.29 -5.54 5.78
C GLU B 89 27.30 -5.99 6.85
N LYS B 90 28.16 -5.06 7.28
CA LYS B 90 29.12 -5.37 8.34
C LYS B 90 28.42 -5.80 9.63
N VAL B 91 27.30 -5.14 9.98
CA VAL B 91 26.52 -5.53 11.15
C VAL B 91 26.04 -6.97 11.02
N ALA B 92 25.59 -7.38 9.84
CA ALA B 92 25.07 -8.74 9.65
C ALA B 92 26.14 -9.78 9.97
N ALA B 93 27.36 -9.52 9.53
CA ALA B 93 28.48 -10.43 9.82
C ALA B 93 28.84 -10.43 11.30
N GLU B 94 29.13 -9.25 11.84
CA GLU B 94 29.68 -9.22 13.19
C GLU B 94 28.66 -9.67 14.23
N GLU B 95 27.37 -9.44 13.97
CA GLU B 95 26.33 -9.85 14.89
C GLU B 95 25.87 -11.28 14.63
N GLY B 96 26.39 -11.91 13.60
CA GLY B 96 26.04 -13.30 13.31
C GLY B 96 24.58 -13.53 12.96
N ILE B 97 24.01 -12.62 12.17
CA ILE B 97 22.59 -12.71 11.85
C ILE B 97 22.29 -13.97 11.04
N VAL B 98 23.27 -14.42 10.25
CA VAL B 98 23.15 -15.72 9.57
C VAL B 98 23.90 -16.82 10.35
N ALA B 99 25.13 -16.54 10.75
CA ALA B 99 26.04 -17.59 11.25
C ALA B 99 25.55 -18.29 12.52
N THR B 100 24.82 -17.57 13.35
CA THR B 100 24.32 -18.11 14.61
C THR B 100 23.54 -19.41 14.42
N ALA B 101 22.82 -19.54 13.31
CA ALA B 101 22.05 -20.77 13.06
C ALA B 101 22.95 -21.98 12.80
N TYR B 102 24.17 -21.75 12.33
CA TYR B 102 25.03 -22.84 11.88
C TYR B 102 25.98 -23.29 12.98
N ASP B 103 25.99 -22.53 14.08
CA ASP B 103 26.66 -22.94 15.31
C ASP B 103 25.61 -23.68 16.14
N ARG B 104 25.52 -24.99 15.94
CA ARG B 104 24.40 -25.73 16.48
C ARG B 104 24.68 -26.23 17.90
N ARG B 105 25.44 -25.42 18.64
CA ARG B 105 25.65 -25.56 20.08
C ARG B 105 24.37 -25.86 20.85
N PHE B 106 23.29 -25.19 20.48
CA PHE B 106 22.07 -25.23 21.28
C PHE B 106 20.98 -26.09 20.65
N GLY B 107 21.39 -27.01 19.77
CA GLY B 107 20.45 -27.88 19.11
C GLY B 107 19.49 -27.06 18.26
N ALA B 108 18.20 -27.38 18.35
CA ALA B 108 17.17 -26.71 17.59
C ALA B 108 17.02 -25.25 17.99
N ALA B 109 17.51 -24.92 19.18
CA ALA B 109 17.40 -23.55 19.68
C ALA B 109 18.39 -22.62 19.01
N SER B 110 19.39 -23.17 18.33
CA SER B 110 20.34 -22.33 17.58
C SER B 110 19.61 -21.58 16.47
N ARG B 111 18.74 -22.27 15.74
CA ARG B 111 17.96 -21.63 14.69
C ARG B 111 16.96 -20.63 15.28
N VAL B 112 16.42 -20.92 16.46
CA VAL B 112 15.48 -20.00 17.11
C VAL B 112 16.22 -18.71 17.54
N TYR B 113 17.38 -18.89 18.14
CA TYR B 113 18.24 -17.76 18.53
C TYR B 113 18.54 -16.91 17.30
N GLN B 114 18.95 -17.56 16.21
CA GLN B 114 19.27 -16.84 14.99
C GLN B 114 18.07 -16.07 14.44
N MET B 115 16.89 -16.69 14.45
CA MET B 115 15.71 -16.04 13.91
C MET B 115 15.30 -14.85 14.80
N ALA B 116 15.60 -14.93 16.09
CA ALA B 116 15.38 -13.80 17.00
C ALA B 116 16.31 -12.64 16.66
N LEU B 117 17.56 -12.96 16.35
CA LEU B 117 18.50 -11.93 15.88
C LEU B 117 17.98 -11.28 14.59
N LEU B 118 17.53 -12.11 13.65
CA LEU B 118 16.99 -11.61 12.40
C LEU B 118 15.77 -10.71 12.65
N TYR B 119 14.91 -11.14 13.57
CA TYR B 119 13.70 -10.38 13.90
C TYR B 119 13.99 -8.95 14.39
N LEU B 120 15.06 -8.79 15.17
CA LEU B 120 15.49 -7.46 15.63
C LEU B 120 16.27 -6.70 14.53
N TYR B 121 17.09 -7.41 13.79
CA TYR B 121 17.96 -6.80 12.76
C TYR B 121 17.16 -6.29 11.55
N SER B 122 16.28 -7.13 11.03
CA SER B 122 15.65 -6.85 9.75
C SER B 122 14.94 -5.49 9.63
N PRO B 123 14.14 -5.11 10.64
CA PRO B 123 13.39 -3.86 10.47
C PRO B 123 14.25 -2.60 10.46
N SER B 124 15.51 -2.71 10.87
CA SER B 124 16.42 -1.57 10.82
C SER B 124 17.53 -1.82 9.83
N SER B 125 17.27 -2.66 8.82
CA SER B 125 18.33 -3.05 7.88
C SER B 125 18.15 -2.57 6.45
N ALA B 126 17.12 -1.77 6.18
CA ALA B 126 16.78 -1.36 4.82
C ALA B 126 16.71 -2.56 3.87
N ILE B 127 16.18 -3.67 4.41
CA ILE B 127 15.97 -4.94 3.72
C ILE B 127 17.29 -5.62 3.30
N PHE B 128 18.39 -5.30 3.98
CA PHE B 128 19.60 -6.11 3.78
C PHE B 128 19.33 -7.54 4.23
N SER B 129 18.32 -7.72 5.08
CA SER B 129 17.89 -9.06 5.44
C SER B 129 17.52 -9.96 4.24
N CYS B 130 17.17 -9.37 3.09
CA CYS B 130 16.88 -10.20 1.92
C CYS B 130 18.16 -10.90 1.38
N PRO B 131 19.23 -10.15 1.10
CA PRO B 131 20.50 -10.84 0.85
C PRO B 131 20.87 -11.87 1.93
N LEU B 132 20.57 -11.61 3.19
CA LEU B 132 20.90 -12.59 4.25
C LEU B 132 20.11 -13.90 4.07
N ALA B 133 18.82 -13.81 3.71
CA ALA B 133 17.99 -15.00 3.48
C ALA B 133 18.62 -15.86 2.38
N MET B 134 19.06 -15.22 1.32
CA MET B 134 19.62 -15.96 0.20
C MET B 134 21.00 -16.53 0.55
N THR B 135 21.70 -15.81 1.41
CA THR B 135 23.00 -16.24 1.91
C THR B 135 22.85 -17.49 2.77
N ASP B 136 21.87 -17.46 3.68
CA ASP B 136 21.57 -18.61 4.53
C ASP B 136 21.16 -19.81 3.67
N GLY B 137 20.24 -19.58 2.73
CA GLY B 137 19.82 -20.63 1.81
C GLY B 137 20.98 -21.26 1.06
N ALA B 138 21.88 -20.42 0.55
CA ALA B 138 23.03 -20.94 -0.18
C ALA B 138 23.95 -21.77 0.73
N ALA B 139 24.17 -21.31 1.96
CA ALA B 139 25.00 -22.04 2.90
C ALA B 139 24.43 -23.46 3.11
N ARG B 140 23.12 -23.53 3.29
CA ARG B 140 22.48 -24.81 3.55
C ARG B 140 22.58 -25.72 2.34
N ALA B 141 22.34 -25.16 1.16
CA ALA B 141 22.44 -25.95 -0.06
C ALA B 141 23.85 -26.51 -0.21
N LEU B 142 24.87 -25.68 0.03
CA LEU B 142 26.24 -26.18 -0.08
C LEU B 142 26.52 -27.22 1.01
N GLU B 143 26.05 -26.96 2.23
CA GLU B 143 26.21 -27.93 3.30
C GLU B 143 25.66 -29.32 2.92
N LEU B 144 24.52 -29.33 2.23
CA LEU B 144 23.87 -30.61 1.88
C LEU B 144 24.47 -31.22 0.63
N TYR B 145 24.86 -30.39 -0.33
CA TYR B 145 25.12 -30.91 -1.67
C TYR B 145 26.49 -30.67 -2.28
N ALA B 146 27.30 -29.84 -1.65
CA ALA B 146 28.62 -29.54 -2.21
C ALA B 146 29.71 -30.43 -1.62
N ASP B 147 30.73 -30.73 -2.42
CA ASP B 147 31.85 -31.53 -1.93
C ASP B 147 32.73 -30.74 -0.95
N ALA B 148 33.67 -31.45 -0.33
CA ALA B 148 34.46 -30.86 0.75
C ALA B 148 35.25 -29.64 0.31
N ASP B 149 35.79 -29.67 -0.90
CA ASP B 149 36.65 -28.57 -1.34
C ASP B 149 35.83 -27.32 -1.60
N LEU B 150 34.65 -27.49 -2.19
CA LEU B 150 33.81 -26.31 -2.43
C LEU B 150 33.25 -25.75 -1.13
N LYS B 151 32.86 -26.63 -0.20
CA LYS B 151 32.43 -26.16 1.11
C LYS B 151 33.55 -25.39 1.83
N ALA B 152 34.76 -25.93 1.79
CA ALA B 152 35.90 -25.33 2.48
C ALA B 152 36.24 -23.97 1.91
N ARG B 153 35.99 -23.80 0.63
CA ARG B 153 36.24 -22.52 -0.03
C ARG B 153 35.18 -21.48 0.35
N VAL B 154 33.91 -21.89 0.32
CA VAL B 154 32.81 -20.93 0.35
C VAL B 154 32.15 -20.73 1.72
N LEU B 155 31.90 -21.82 2.46
CA LEU B 155 31.21 -21.68 3.74
C LEU B 155 31.90 -20.76 4.77
N PRO B 156 33.25 -20.75 4.83
CA PRO B 156 33.85 -19.77 5.76
C PRO B 156 33.52 -18.32 5.42
N HIS B 157 33.21 -18.03 4.16
CA HIS B 157 32.78 -16.69 3.77
C HIS B 157 31.32 -16.43 4.11
N LEU B 158 30.43 -17.35 3.73
CA LEU B 158 29.00 -17.12 4.00
C LEU B 158 28.71 -17.08 5.49
N LEU B 159 29.46 -17.87 6.26
CA LEU B 159 29.21 -17.98 7.70
C LEU B 159 30.19 -17.16 8.51
N SER B 160 30.89 -16.25 7.85
CA SER B 160 31.88 -15.42 8.55
C SER B 160 31.27 -14.41 9.52
N ARG B 161 31.95 -14.21 10.64
CA ARG B 161 31.63 -13.13 11.58
C ARG B 161 32.58 -11.95 11.37
N ASP B 162 33.49 -12.12 10.42
CA ASP B 162 34.47 -11.08 10.07
C ASP B 162 33.98 -10.34 8.84
N PRO B 163 33.62 -9.06 9.00
CA PRO B 163 33.10 -8.28 7.87
C PRO B 163 34.04 -8.29 6.67
N LYS B 164 35.33 -8.42 6.93
CA LYS B 164 36.31 -8.34 5.84
C LYS B 164 36.33 -9.58 4.94
N THR B 165 35.71 -10.68 5.41
CA THR B 165 35.70 -11.92 4.64
C THR B 165 34.28 -12.44 4.38
N PHE B 166 33.28 -11.73 4.91
CA PHE B 166 31.88 -12.12 4.74
C PHE B 166 31.44 -12.02 3.28
N TRP B 167 30.77 -13.06 2.80
CA TRP B 167 30.17 -13.06 1.47
C TRP B 167 28.67 -13.14 1.61
N THR B 168 27.97 -12.50 0.69
CA THR B 168 26.56 -12.81 0.52
C THR B 168 26.37 -13.58 -0.78
N ALA B 169 25.22 -14.26 -0.88
CA ALA B 169 24.86 -15.02 -2.08
C ALA B 169 23.61 -14.45 -2.73
N GLY B 170 23.51 -14.58 -4.05
CA GLY B 170 22.25 -14.34 -4.73
C GLY B 170 21.60 -15.69 -5.05
N GLN B 171 20.29 -15.66 -5.29
CA GLN B 171 19.56 -16.81 -5.80
C GLN B 171 18.83 -16.37 -7.05
N TRP B 172 19.32 -16.79 -8.21
CA TRP B 172 18.84 -16.25 -9.47
C TRP B 172 17.90 -17.20 -10.16
N MET B 173 16.65 -17.19 -9.75
CA MET B 173 15.71 -18.19 -10.24
C MET B 173 14.74 -17.63 -11.29
N THR B 174 14.35 -16.37 -11.13
CA THR B 174 13.33 -15.78 -12.00
C THR B 174 13.86 -15.34 -13.37
N GLU B 175 13.14 -15.71 -14.43
CA GLU B 175 13.41 -15.20 -15.77
C GLU B 175 12.15 -14.50 -16.33
N ARG B 176 12.25 -13.88 -17.50
CA ARG B 176 11.12 -13.13 -18.04
C ARG B 176 9.88 -14.00 -18.23
N THR B 177 10.09 -15.28 -18.53
CA THR B 177 8.99 -16.22 -18.76
C THR B 177 8.19 -16.48 -17.48
N GLY B 178 8.85 -16.36 -16.33
CA GLY B 178 8.20 -16.64 -15.06
C GLY B 178 9.11 -16.77 -13.86
N GLY B 179 8.55 -16.44 -12.71
CA GLY B 179 9.20 -16.65 -11.43
C GLY B 179 8.48 -17.71 -10.61
N SER B 180 7.15 -17.67 -10.65
CA SER B 180 6.35 -18.72 -10.01
C SER B 180 6.65 -20.07 -10.67
N ASP B 181 6.58 -20.06 -12.00
CA ASP B 181 6.85 -21.24 -12.81
C ASP B 181 8.19 -21.06 -13.50
N VAL B 182 9.19 -21.84 -13.06
CA VAL B 182 10.53 -21.70 -13.62
C VAL B 182 10.79 -22.71 -14.74
N SER B 183 9.79 -23.49 -15.10
CA SER B 183 9.97 -24.51 -16.15
C SER B 183 10.38 -23.87 -17.48
N GLY B 184 10.03 -22.60 -17.67
CA GLY B 184 10.35 -21.88 -18.90
C GLY B 184 11.78 -21.34 -18.96
N THR B 185 12.57 -21.61 -17.92
CA THR B 185 13.97 -21.16 -17.84
C THR B 185 14.72 -21.45 -19.14
N SER B 186 15.31 -20.40 -19.72
CA SER B 186 15.92 -20.48 -21.04
C SER B 186 17.44 -20.33 -20.99
N THR B 187 18.01 -20.25 -19.79
CA THR B 187 19.45 -20.15 -19.66
C THR B 187 20.09 -21.50 -19.98
N ASP B 188 21.02 -21.50 -20.94
CA ASP B 188 21.70 -22.73 -21.35
C ASP B 188 22.99 -22.92 -20.60
N ALA B 189 23.38 -24.17 -20.40
CA ALA B 189 24.68 -24.48 -19.81
C ALA B 189 25.51 -25.35 -20.75
N HIS B 190 26.52 -24.74 -21.38
CA HIS B 190 27.43 -25.49 -22.27
C HIS B 190 28.59 -26.04 -21.48
N PRO B 191 29.01 -27.29 -21.78
CA PRO B 191 30.21 -27.84 -21.13
C PRO B 191 31.41 -26.89 -21.22
N PHE B 192 32.20 -26.82 -20.15
CA PHE B 192 33.25 -25.82 -20.03
C PHE B 192 34.54 -26.43 -19.49
N THR B 193 35.66 -26.08 -20.10
CA THR B 193 36.96 -26.61 -19.68
C THR B 193 37.99 -25.51 -19.43
N GLY B 194 37.57 -24.25 -19.53
CA GLY B 194 38.42 -23.11 -19.23
C GLY B 194 38.78 -23.05 -17.75
N THR B 195 39.39 -21.96 -17.32
CA THR B 195 39.80 -21.87 -15.92
C THR B 195 38.84 -21.06 -15.04
N SER B 196 38.86 -21.40 -13.75
CA SER B 196 38.03 -20.78 -12.72
C SER B 196 38.58 -21.19 -11.36
N GLU B 197 38.21 -20.47 -10.31
CA GLU B 197 38.71 -20.76 -8.99
C GLU B 197 37.93 -21.86 -8.23
N PHE B 198 36.83 -22.34 -8.80
CA PHE B 198 35.90 -23.19 -8.05
C PHE B 198 35.43 -24.48 -8.76
N GLY B 199 36.13 -24.88 -9.81
CA GLY B 199 35.81 -26.11 -10.50
C GLY B 199 34.56 -26.05 -11.36
N ALA B 200 34.42 -24.94 -12.09
CA ALA B 200 33.32 -24.76 -13.03
C ALA B 200 33.28 -25.88 -14.06
N THR B 201 32.06 -26.28 -14.41
CA THR B 201 31.80 -27.40 -15.32
C THR B 201 31.10 -26.96 -16.59
N HIS B 202 30.48 -25.78 -16.53
CA HIS B 202 29.69 -25.28 -17.64
C HIS B 202 29.86 -23.77 -17.79
N SER B 203 29.44 -23.25 -18.93
CA SER B 203 29.30 -21.81 -19.10
C SER B 203 27.83 -21.50 -19.32
N LEU B 204 27.32 -20.47 -18.63
CA LEU B 204 25.90 -20.16 -18.69
C LEU B 204 25.57 -19.01 -19.63
N HIS B 205 24.48 -19.15 -20.37
CA HIS B 205 24.05 -18.15 -21.34
C HIS B 205 22.56 -17.91 -21.21
N GLY B 206 22.18 -16.74 -20.73
CA GLY B 206 20.78 -16.40 -20.59
C GLY B 206 20.58 -15.11 -19.81
N THR B 207 19.32 -14.80 -19.51
CA THR B 207 19.01 -13.55 -18.83
C THR B 207 18.26 -13.85 -17.55
N LYS B 208 18.71 -13.24 -16.47
CA LYS B 208 18.06 -13.39 -15.18
C LYS B 208 17.35 -12.07 -14.85
N TRP B 209 16.05 -12.15 -14.63
CA TRP B 209 15.15 -11.00 -14.75
C TRP B 209 14.97 -10.19 -13.45
N PHE B 210 15.03 -10.88 -12.32
CA PHE B 210 15.11 -10.24 -11.00
C PHE B 210 16.29 -10.90 -10.28
N THR B 211 17.26 -10.11 -9.88
CA THR B 211 18.40 -10.59 -9.12
C THR B 211 18.78 -9.55 -8.08
N SER B 212 19.61 -9.92 -7.11
CA SER B 212 20.14 -8.93 -6.17
C SER B 212 21.46 -8.35 -6.69
N ALA B 213 21.60 -8.42 -8.01
CA ALA B 213 22.66 -7.76 -8.75
C ALA B 213 24.06 -8.30 -8.45
N THR B 214 25.06 -7.45 -8.62
CA THR B 214 26.45 -7.90 -8.69
C THR B 214 27.33 -7.63 -7.47
N THR B 215 26.73 -7.23 -6.37
CA THR B 215 27.47 -6.98 -5.13
C THR B 215 27.59 -8.25 -4.28
N SER B 216 26.82 -9.28 -4.62
CA SER B 216 27.00 -10.56 -3.96
C SER B 216 28.21 -11.24 -4.56
N GLN B 217 28.86 -12.11 -3.79
CA GLN B 217 30.08 -12.78 -4.29
C GLN B 217 29.82 -14.08 -5.03
N MET B 218 28.72 -14.75 -4.70
CA MET B 218 28.35 -16.00 -5.37
C MET B 218 26.86 -16.00 -5.66
N ALA B 219 26.42 -16.93 -6.49
CA ALA B 219 24.99 -17.15 -6.67
C ALA B 219 24.69 -18.60 -6.97
N LEU B 220 23.47 -19.01 -6.64
CA LEU B 220 22.91 -20.25 -7.13
C LEU B 220 21.90 -19.92 -8.20
N THR B 221 21.79 -20.77 -9.21
CA THR B 221 20.86 -20.53 -10.30
C THR B 221 20.51 -21.82 -11.04
N LEU B 222 19.48 -21.74 -11.86
CA LEU B 222 19.04 -22.89 -12.66
C LEU B 222 19.40 -22.69 -14.12
N ALA B 223 19.79 -23.76 -14.80
CA ALA B 223 20.10 -23.69 -16.22
C ALA B 223 19.88 -25.05 -16.86
N ARG B 224 19.73 -25.03 -18.17
CA ARG B 224 19.45 -26.25 -18.95
C ARG B 224 20.70 -26.66 -19.70
N PRO B 225 21.34 -27.76 -19.27
CA PRO B 225 22.53 -28.23 -19.98
C PRO B 225 22.23 -28.63 -21.42
N ASP B 226 23.24 -28.54 -22.29
CA ASP B 226 23.10 -28.96 -23.68
C ASP B 226 22.47 -30.34 -23.78
N GLY B 227 21.42 -30.44 -24.58
CA GLY B 227 20.78 -31.71 -24.86
C GLY B 227 19.79 -32.16 -23.81
N ALA B 228 19.62 -31.37 -22.76
CA ALA B 228 18.72 -31.73 -21.68
C ALA B 228 17.27 -31.60 -22.10
N ALA B 229 16.40 -32.31 -21.38
CA ALA B 229 14.97 -32.31 -21.64
C ALA B 229 14.35 -30.91 -21.51
N PRO B 230 13.21 -30.67 -22.16
CA PRO B 230 12.50 -29.40 -21.96
C PRO B 230 11.84 -29.32 -20.59
N GLY B 231 11.51 -28.11 -20.16
CA GLY B 231 10.80 -27.91 -18.91
C GLY B 231 11.66 -28.15 -17.68
N SER B 232 11.01 -28.33 -16.53
CA SER B 232 11.69 -28.49 -15.26
C SER B 232 12.61 -29.70 -15.23
N ARG B 233 12.22 -30.79 -15.90
CA ARG B 233 13.01 -32.01 -15.92
C ARG B 233 14.39 -31.81 -16.55
N GLY B 234 14.56 -30.74 -17.31
CA GLY B 234 15.87 -30.44 -17.90
C GLY B 234 16.76 -29.51 -17.10
N LEU B 235 16.28 -29.05 -15.95
CA LEU B 235 17.00 -28.00 -15.21
C LEU B 235 17.93 -28.55 -14.13
N SER B 236 19.14 -28.00 -14.07
CA SER B 236 20.12 -28.37 -13.05
C SER B 236 20.45 -27.16 -12.20
N LEU B 237 20.89 -27.42 -10.97
CA LEU B 237 21.33 -26.37 -10.05
C LEU B 237 22.80 -26.04 -10.30
N PHE B 238 23.12 -24.75 -10.34
CA PHE B 238 24.49 -24.29 -10.58
C PHE B 238 24.98 -23.35 -9.51
N PHE B 239 26.25 -23.49 -9.17
CA PHE B 239 26.96 -22.54 -8.33
C PHE B 239 27.86 -21.69 -9.19
N LEU B 240 27.92 -20.39 -8.91
CA LEU B 240 28.90 -19.55 -9.62
C LEU B 240 29.45 -18.45 -8.72
N GLU B 241 30.66 -17.98 -9.04
CA GLU B 241 31.19 -16.81 -8.34
C GLU B 241 31.15 -15.67 -9.34
N LEU B 242 30.74 -14.49 -8.87
CA LEU B 242 30.51 -13.35 -9.76
C LEU B 242 31.77 -12.72 -10.34
N ARG B 243 32.86 -12.74 -9.58
CA ARG B 243 34.09 -12.07 -10.01
C ARG B 243 35.34 -12.96 -10.00
N ASN B 244 36.37 -12.57 -10.75
CA ASN B 244 37.65 -13.28 -10.67
C ASN B 244 38.54 -12.64 -9.59
N ASP B 245 39.79 -13.08 -9.48
CA ASP B 245 40.68 -12.50 -8.47
C ASP B 245 40.97 -11.02 -8.70
N LYS B 246 40.97 -10.59 -9.95
CA LYS B 246 41.17 -9.18 -10.28
C LYS B 246 39.99 -8.30 -9.83
N GLY B 247 38.84 -8.94 -9.55
CA GLY B 247 37.63 -8.19 -9.21
C GLY B 247 36.73 -7.87 -10.39
N GLU B 248 37.01 -8.49 -11.53
CA GLU B 248 36.21 -8.30 -12.74
C GLU B 248 35.04 -9.29 -12.79
N LEU B 249 33.90 -8.80 -13.25
CA LEU B 249 32.73 -9.68 -13.41
C LEU B 249 33.02 -10.78 -14.44
N ASN B 250 32.57 -12.00 -14.13
CA ASN B 250 32.85 -13.17 -14.96
C ASN B 250 31.82 -13.33 -16.05
N HIS B 251 31.91 -12.49 -17.08
CA HIS B 251 30.97 -12.52 -18.20
C HIS B 251 29.53 -12.34 -17.72
N ILE B 252 29.33 -11.36 -16.87
CA ILE B 252 28.00 -10.97 -16.42
C ILE B 252 27.83 -9.49 -16.76
N GLN B 253 26.71 -9.16 -17.40
CA GLN B 253 26.38 -7.77 -17.70
C GLN B 253 25.11 -7.36 -16.98
N ILE B 254 25.11 -6.18 -16.37
CA ILE B 254 23.92 -5.63 -15.76
C ILE B 254 23.18 -4.80 -16.79
N HIS B 255 21.91 -5.12 -17.04
CA HIS B 255 21.15 -4.34 -17.99
C HIS B 255 20.74 -3.02 -17.37
N ARG B 256 20.18 -3.10 -16.16
CA ARG B 256 19.76 -1.93 -15.41
C ARG B 256 19.34 -2.37 -14.02
N LEU B 257 19.25 -1.41 -13.11
CA LEU B 257 18.57 -1.62 -11.84
C LEU B 257 17.10 -1.33 -12.00
N LYS B 258 16.27 -2.10 -11.30
CA LYS B 258 14.84 -1.81 -11.25
C LYS B 258 14.58 -0.60 -10.37
N ASP B 259 13.67 0.26 -10.83
CA ASP B 259 13.15 1.36 -10.02
C ASP B 259 11.86 0.87 -9.34
N LYS B 260 11.92 0.58 -8.04
CA LYS B 260 10.86 -0.19 -7.35
C LYS B 260 9.95 0.65 -6.49
N LEU B 261 8.79 0.05 -6.18
CA LEU B 261 7.85 0.63 -5.23
C LEU B 261 8.53 0.88 -3.89
N GLY B 262 9.23 -0.14 -3.40
CA GLY B 262 9.94 -0.05 -2.14
C GLY B 262 11.17 -0.93 -2.18
N THR B 263 11.72 -1.27 -1.02
CA THR B 263 13.03 -1.93 -0.88
C THR B 263 14.06 -1.13 -1.70
N LYS B 264 13.94 0.19 -1.66
CA LYS B 264 14.75 1.05 -2.53
C LYS B 264 16.25 0.96 -2.30
N ALA B 265 16.68 0.62 -1.08
CA ALA B 265 18.13 0.49 -0.83
C ALA B 265 18.72 -0.79 -1.45
N LEU B 266 17.87 -1.78 -1.66
CA LEU B 266 18.30 -3.06 -2.21
C LEU B 266 18.50 -3.00 -3.72
N PRO B 267 19.70 -3.30 -4.20
CA PRO B 267 19.85 -3.34 -5.65
C PRO B 267 19.11 -4.55 -6.20
N THR B 268 18.19 -4.33 -7.14
CA THR B 268 17.55 -5.44 -7.85
C THR B 268 17.83 -5.20 -9.32
N ALA B 269 18.54 -6.13 -9.94
CA ALA B 269 19.02 -5.92 -11.30
C ALA B 269 18.52 -6.97 -12.26
N GLU B 270 18.44 -6.59 -13.52
CA GLU B 270 18.27 -7.52 -14.63
C GLU B 270 19.68 -7.81 -15.13
N LEU B 271 20.06 -9.08 -15.24
CA LEU B 271 21.43 -9.49 -15.60
C LEU B 271 21.44 -10.39 -16.84
N SER B 272 22.47 -10.28 -17.67
CA SER B 272 22.71 -11.29 -18.70
C SER B 272 23.97 -12.07 -18.38
N LEU B 273 23.85 -13.38 -18.45
CA LEU B 273 24.97 -14.31 -18.31
C LEU B 273 25.50 -14.56 -19.71
N GLN B 274 26.76 -14.24 -19.94
CA GLN B 274 27.32 -14.30 -21.28
C GLN B 274 28.51 -15.24 -21.32
N GLY B 275 28.28 -16.48 -20.91
CA GLY B 275 29.34 -17.47 -20.78
C GLY B 275 29.93 -17.50 -19.38
N THR B 276 29.10 -17.16 -18.40
CA THR B 276 29.52 -17.18 -17.01
C THR B 276 29.89 -18.59 -16.58
N PRO B 277 31.15 -18.79 -16.15
CA PRO B 277 31.47 -20.15 -15.69
C PRO B 277 30.66 -20.53 -14.45
N ALA B 278 30.20 -21.76 -14.41
CA ALA B 278 29.43 -22.24 -13.27
C ALA B 278 29.65 -23.73 -13.04
N ARG B 279 29.31 -24.17 -11.85
CA ARG B 279 29.56 -25.53 -11.45
C ARG B 279 28.25 -26.20 -11.11
N MET B 280 27.96 -27.30 -11.78
CA MET B 280 26.73 -28.03 -11.52
C MET B 280 26.78 -28.71 -10.17
N ILE B 281 25.69 -28.54 -9.42
CA ILE B 281 25.53 -29.18 -8.13
C ILE B 281 24.45 -30.25 -8.28
N GLY B 282 24.84 -31.51 -8.15
CA GLY B 282 23.93 -32.62 -8.43
C GLY B 282 23.86 -32.92 -9.91
N GLY B 283 22.82 -33.66 -10.29
CA GLY B 283 22.72 -34.14 -11.65
C GLY B 283 21.66 -33.42 -12.46
N VAL B 284 21.66 -33.66 -13.75
CA VAL B 284 20.71 -33.07 -14.66
C VAL B 284 19.28 -33.36 -14.19
N GLY B 285 18.43 -32.35 -14.28
CA GLY B 285 17.03 -32.48 -13.94
C GLY B 285 16.71 -32.49 -12.46
N GLU B 286 17.71 -32.25 -11.62
CA GLU B 286 17.49 -32.28 -10.17
C GLU B 286 17.47 -30.89 -9.58
N GLY B 287 17.58 -29.88 -10.43
CA GLY B 287 17.69 -28.51 -9.98
C GLY B 287 16.54 -28.00 -9.14
N VAL B 288 15.32 -28.19 -9.64
CA VAL B 288 14.16 -27.68 -8.93
C VAL B 288 14.01 -28.36 -7.57
N LYS B 289 14.28 -29.67 -7.52
CA LYS B 289 14.22 -30.39 -6.26
C LYS B 289 15.29 -29.95 -5.27
N ARG B 290 16.47 -29.61 -5.77
CA ARG B 290 17.58 -29.26 -4.90
C ARG B 290 17.35 -27.91 -4.23
N ILE B 291 16.71 -26.99 -4.94
CA ILE B 291 16.45 -25.68 -4.34
C ILE B 291 15.30 -25.70 -3.34
N ALA B 292 14.56 -26.81 -3.27
CA ALA B 292 13.43 -26.91 -2.35
C ALA B 292 13.82 -26.61 -0.90
N SER B 293 14.99 -27.01 -0.46
CA SER B 293 15.39 -26.72 0.91
C SER B 293 16.04 -25.33 1.06
N VAL B 294 16.25 -24.63 -0.04
CA VAL B 294 16.71 -23.26 0.06
C VAL B 294 15.45 -22.41 0.25
N LEU B 295 14.36 -22.86 -0.33
CA LEU B 295 13.11 -22.12 -0.26
C LEU B 295 12.48 -22.14 1.15
N ASN B 296 12.64 -23.24 1.88
CA ASN B 296 12.11 -23.28 3.25
C ASN B 296 12.75 -22.23 4.14
N ILE B 297 14.06 -22.07 3.99
CA ILE B 297 14.80 -21.09 4.78
C ILE B 297 14.39 -19.67 4.35
N THR B 298 14.38 -19.40 3.06
CA THR B 298 14.08 -18.03 2.66
C THR B 298 12.63 -17.69 2.98
N ARG B 299 11.73 -18.66 2.92
CA ARG B 299 10.32 -18.41 3.23
CA ARG B 299 10.34 -18.32 3.21
C ARG B 299 10.16 -18.09 4.72
N ILE B 300 10.93 -18.75 5.57
CA ILE B 300 10.86 -18.44 7.00
C ILE B 300 11.56 -17.10 7.31
N TYR B 301 12.64 -16.80 6.61
CA TYR B 301 13.25 -15.50 6.76
C TYR B 301 12.22 -14.44 6.39
N ASN B 302 11.57 -14.63 5.27
CA ASN B 302 10.59 -13.66 4.82
C ASN B 302 9.52 -13.38 5.85
N SER B 303 9.07 -14.44 6.50
CA SER B 303 8.05 -14.36 7.50
C SER B 303 8.53 -13.61 8.72
N ILE B 304 9.68 -13.98 9.23
CA ILE B 304 10.26 -13.30 10.38
C ILE B 304 10.49 -11.82 10.05
N CYS B 305 10.95 -11.53 8.84
CA CYS B 305 11.14 -10.14 8.42
C CYS B 305 9.81 -9.39 8.34
N ALA B 306 8.77 -10.04 7.83
CA ALA B 306 7.45 -9.42 7.76
C ALA B 306 6.91 -9.10 9.17
N VAL B 307 7.12 -10.01 10.12
CA VAL B 307 6.62 -9.80 11.48
C VAL B 307 7.45 -8.73 12.19
N GLY B 308 8.76 -8.69 11.93
CA GLY B 308 9.58 -7.60 12.45
C GLY B 308 9.14 -6.25 11.89
N HIS B 309 8.75 -6.25 10.62
CA HIS B 309 8.20 -5.06 10.00
C HIS B 309 6.89 -4.60 10.67
N ILE B 310 6.00 -5.57 10.94
CA ILE B 310 4.77 -5.28 11.67
C ILE B 310 5.08 -4.64 13.02
N ARG B 311 6.05 -5.20 13.71
CA ARG B 311 6.43 -4.69 15.03
C ARG B 311 6.93 -3.25 14.97
N ARG B 312 7.70 -2.94 13.92
CA ARG B 312 8.22 -1.59 13.73
C ARG B 312 7.07 -0.63 13.48
N ALA B 313 6.15 -1.01 12.59
CA ALA B 313 5.01 -0.16 12.28
C ALA B 313 4.20 0.10 13.54
N LEU B 314 3.93 -0.95 14.31
CA LEU B 314 3.14 -0.79 15.53
C LEU B 314 3.91 -0.02 16.59
N ASP B 315 5.22 -0.22 16.71
CA ASP B 315 5.97 0.61 17.66
C ASP B 315 5.84 2.11 17.35
N LEU B 316 5.95 2.47 16.07
CA LEU B 316 5.77 3.86 15.68
C LEU B 316 4.34 4.34 15.97
N ALA B 317 3.35 3.51 15.64
CA ALA B 317 1.95 3.87 15.86
C ALA B 317 1.66 4.04 17.35
N GLN B 318 2.16 3.11 18.17
CA GLN B 318 1.91 3.16 19.61
C GLN B 318 2.52 4.43 20.20
N ASP B 319 3.74 4.75 19.80
CA ASP B 319 4.38 5.92 20.38
C ASP B 319 3.64 7.20 19.97
N TYR B 320 3.29 7.31 18.69
CA TYR B 320 2.56 8.48 18.22
C TYR B 320 1.20 8.62 18.89
N SER B 321 0.58 7.48 19.21
CA SER B 321 -0.75 7.51 19.80
C SER B 321 -0.76 8.13 21.20
N GLY B 322 0.40 8.16 21.84
CA GLY B 322 0.50 8.81 23.14
C GLY B 322 1.00 10.25 23.08
N LYS B 323 1.15 10.77 21.86
CA LYS B 323 1.70 12.12 21.64
C LYS B 323 0.74 13.02 20.86
N ARG B 324 -0.09 12.41 20.04
CA ARG B 324 -1.00 13.17 19.19
C ARG B 324 -2.37 13.34 19.83
N GLN B 325 -2.82 14.58 19.91
CA GLN B 325 -4.14 14.88 20.46
C GLN B 325 -5.10 15.22 19.32
N ALA B 326 -6.36 14.82 19.49
CA ALA B 326 -7.45 15.26 18.65
C ALA B 326 -8.73 15.19 19.45
N PHE B 327 -9.60 16.17 19.28
CA PHE B 327 -10.91 16.18 19.94
C PHE B 327 -10.81 16.01 21.46
N GLY B 328 -9.78 16.61 22.03
CA GLY B 328 -9.62 16.69 23.48
C GLY B 328 -8.89 15.55 24.15
N LYS B 329 -8.54 14.51 23.39
CA LYS B 329 -7.85 13.35 23.94
C LYS B 329 -6.64 12.94 23.12
N LEU B 330 -5.66 12.34 23.77
CA LEU B 330 -4.63 11.60 23.04
C LEU B 330 -5.30 10.47 22.27
N LEU B 331 -4.77 10.10 21.11
CA LEU B 331 -5.39 9.05 20.29
C LEU B 331 -5.59 7.76 21.08
N LYS B 332 -4.62 7.42 21.94
CA LYS B 332 -4.66 6.17 22.67
C LYS B 332 -5.84 6.10 23.63
N ASP B 333 -6.45 7.26 23.92
CA ASP B 333 -7.58 7.31 24.84
C ASP B 333 -8.93 7.43 24.13
N HIS B 334 -8.93 7.39 22.79
CA HIS B 334 -10.15 7.29 22.01
C HIS B 334 -10.49 5.82 21.85
N PRO B 335 -11.66 5.37 22.34
CA PRO B 335 -11.99 3.95 22.29
C PRO B 335 -11.84 3.29 20.89
N LEU B 336 -12.25 3.97 19.83
CA LEU B 336 -12.14 3.40 18.49
C LEU B 336 -10.70 3.28 18.05
N HIS B 337 -9.89 4.28 18.39
CA HIS B 337 -8.48 4.21 18.06
C HIS B 337 -7.81 3.06 18.81
N LYS B 338 -8.11 2.96 20.10
CA LYS B 338 -7.55 1.90 20.93
C LYS B 338 -8.00 0.53 20.42
N SER B 339 -9.27 0.41 20.04
CA SER B 339 -9.77 -0.86 19.47
C SER B 339 -9.03 -1.22 18.19
N THR B 340 -8.74 -0.23 17.37
CA THR B 340 -8.02 -0.49 16.11
C THR B 340 -6.59 -0.97 16.42
N LEU B 341 -5.89 -0.25 17.29
CA LEU B 341 -4.57 -0.69 17.75
C LEU B 341 -4.59 -2.10 18.32
N ASP B 342 -5.57 -2.40 19.17
CA ASP B 342 -5.68 -3.73 19.78
C ASP B 342 -5.85 -4.82 18.73
N SER B 343 -6.63 -4.54 17.70
CA SER B 343 -6.84 -5.48 16.62
C SER B 343 -5.53 -5.78 15.88
N LEU B 344 -4.77 -4.73 15.61
CA LEU B 344 -3.49 -4.89 14.92
C LEU B 344 -2.51 -5.67 15.79
N GLU B 345 -2.46 -5.35 17.07
CA GLU B 345 -1.57 -6.06 17.99
C GLU B 345 -1.94 -7.53 18.11
N ALA B 346 -3.23 -7.81 18.06
CA ALA B 346 -3.69 -9.20 18.09
C ALA B 346 -3.20 -9.97 16.86
N ASP B 347 -3.25 -9.34 15.69
CA ASP B 347 -2.70 -9.97 14.49
C ASP B 347 -1.18 -10.15 14.62
N PHE B 348 -0.51 -9.15 15.18
CA PHE B 348 0.93 -9.26 15.45
C PHE B 348 1.26 -10.48 16.31
N ARG B 349 0.49 -10.69 17.39
CA ARG B 349 0.81 -11.79 18.30
C ARG B 349 0.60 -13.14 17.60
N LYS B 350 -0.43 -13.24 16.77
CA LYS B 350 -0.64 -14.43 15.95
C LYS B 350 0.57 -14.67 15.05
N CYS B 351 1.02 -13.60 14.39
CA CYS B 351 2.13 -13.72 13.43
C CYS B 351 3.44 -14.11 14.11
N ILE B 352 3.75 -13.51 15.25
CA ILE B 352 5.05 -13.78 15.84
C ILE B 352 5.07 -15.18 16.46
N ALA B 353 3.96 -15.61 17.05
CA ALA B 353 3.87 -16.96 17.61
C ALA B 353 3.98 -18.02 16.51
N PHE B 354 3.20 -17.85 15.44
CA PHE B 354 3.24 -18.75 14.30
C PHE B 354 4.67 -18.81 13.71
N SER B 355 5.33 -17.67 13.56
CA SER B 355 6.66 -17.66 12.96
C SER B 355 7.69 -18.44 13.78
N PHE B 356 7.70 -18.24 15.09
CA PHE B 356 8.71 -18.92 15.90
C PHE B 356 8.38 -20.39 16.12
N PHE B 357 7.09 -20.73 16.09
CA PHE B 357 6.70 -22.14 16.12
C PHE B 357 7.33 -22.87 14.94
N VAL B 358 7.27 -22.25 13.76
CA VAL B 358 7.82 -22.86 12.56
C VAL B 358 9.35 -22.81 12.58
N ALA B 359 9.91 -21.70 13.06
CA ALA B 359 11.36 -21.58 13.22
C ALA B 359 11.90 -22.72 14.09
N ASN B 360 11.18 -23.07 15.14
CA ASN B 360 11.60 -24.15 16.00
C ASN B 360 11.59 -25.50 15.27
N LEU B 361 10.57 -25.71 14.45
CA LEU B 361 10.49 -26.91 13.62
C LEU B 361 11.69 -26.99 12.67
N LEU B 362 12.08 -25.85 12.12
CA LEU B 362 13.21 -25.81 11.21
C LEU B 362 14.48 -26.20 11.96
N GLY B 363 14.66 -25.66 13.16
CA GLY B 363 15.80 -26.00 13.99
C GLY B 363 15.85 -27.49 14.32
N GLN B 364 14.71 -28.05 14.70
CA GLN B 364 14.60 -29.49 14.98
C GLN B 364 15.07 -30.30 13.77
N GLU B 365 14.58 -29.95 12.59
CA GLU B 365 14.98 -30.69 11.39
C GLU B 365 16.47 -30.54 11.09
N GLU B 366 17.02 -29.35 11.30
CA GLU B 366 18.40 -29.11 10.94
C GLU B 366 19.38 -29.86 11.84
N VAL B 367 18.97 -30.15 13.07
CA VAL B 367 19.86 -30.88 13.97
C VAL B 367 19.49 -32.35 14.05
N GLY B 368 18.57 -32.78 13.17
CA GLY B 368 18.22 -34.19 13.06
C GLY B 368 17.31 -34.73 14.14
N GLU B 369 16.62 -33.84 14.84
CA GLU B 369 15.79 -34.24 15.97
C GLU B 369 14.30 -34.29 15.63
N ALA B 370 13.95 -33.95 14.40
CA ALA B 370 12.54 -33.87 14.00
C ALA B 370 11.95 -35.23 13.63
N SER B 371 10.76 -35.52 14.13
CA SER B 371 10.04 -36.73 13.75
C SER B 371 9.51 -36.59 12.32
N ALA B 372 9.02 -37.70 11.77
CA ALA B 372 8.46 -37.69 10.42
C ALA B 372 7.30 -36.70 10.31
N SER B 373 6.45 -36.68 11.33
CA SER B 373 5.28 -35.80 11.31
C SER B 373 5.71 -34.34 11.42
N GLU B 374 6.69 -34.06 12.26
CA GLU B 374 7.22 -32.70 12.39
C GLU B 374 7.85 -32.20 11.10
N LYS B 375 8.52 -33.08 10.38
CA LYS B 375 9.13 -32.71 9.09
C LYS B 375 8.05 -32.41 8.07
N ILE B 376 6.98 -33.19 8.09
CA ILE B 376 5.88 -32.97 7.19
C ILE B 376 5.15 -31.69 7.60
N LEU B 377 4.99 -31.50 8.90
CA LEU B 377 4.34 -30.31 9.42
C LEU B 377 5.13 -29.06 8.98
N LEU B 378 6.44 -29.13 9.09
CA LEU B 378 7.31 -28.03 8.63
C LEU B 378 7.11 -27.73 7.14
N ARG B 379 7.01 -28.78 6.34
CA ARG B 379 6.86 -28.61 4.90
C ARG B 379 5.51 -27.99 4.49
N VAL B 380 4.44 -28.35 5.18
CA VAL B 380 3.13 -27.81 4.84
C VAL B 380 2.97 -26.40 5.41
N LEU B 381 3.55 -26.16 6.59
CA LEU B 381 3.33 -24.88 7.29
C LEU B 381 4.14 -23.74 6.71
N THR B 382 5.29 -24.01 6.11
CA THR B 382 6.15 -22.91 5.67
C THR B 382 5.50 -22.02 4.59
N PRO B 383 4.89 -22.61 3.54
CA PRO B 383 4.21 -21.70 2.60
C PRO B 383 3.04 -20.93 3.23
N ILE B 384 2.32 -21.58 4.15
CA ILE B 384 1.22 -20.91 4.83
C ILE B 384 1.73 -19.73 5.69
N LEU B 385 2.76 -20.00 6.49
CA LEU B 385 3.37 -18.96 7.31
C LEU B 385 3.79 -17.75 6.47
N LYS B 386 4.43 -18.02 5.32
CA LYS B 386 4.94 -16.94 4.48
C LYS B 386 3.77 -16.10 3.94
N LEU B 387 2.76 -16.74 3.37
CA LEU B 387 1.69 -15.96 2.75
C LEU B 387 0.87 -15.24 3.83
N TYR B 388 0.72 -15.87 4.99
CA TYR B 388 -0.09 -15.33 6.09
C TYR B 388 0.54 -14.07 6.68
N THR B 389 1.80 -14.17 7.05
CA THR B 389 2.51 -13.04 7.63
C THR B 389 2.66 -11.89 6.62
N ALA B 390 2.84 -12.25 5.34
CA ALA B 390 3.00 -11.20 4.34
C ALA B 390 1.72 -10.40 4.20
N LYS B 391 0.57 -11.07 4.12
CA LYS B 391 -0.69 -10.35 3.97
C LYS B 391 -0.99 -9.49 5.20
N LYS B 392 -0.74 -10.05 6.39
CA LYS B 392 -0.94 -9.29 7.62
C LYS B 392 -0.05 -8.05 7.69
N SER B 393 1.18 -8.18 7.18
CA SER B 393 2.13 -7.07 7.26
C SER B 393 1.69 -5.89 6.38
N ILE B 394 1.11 -6.20 5.22
CA ILE B 394 0.58 -5.18 4.33
C ILE B 394 -0.65 -4.52 4.94
N HIS B 395 -1.57 -5.33 5.45
CA HIS B 395 -2.76 -4.79 6.10
C HIS B 395 -2.41 -3.87 7.26
N ILE B 396 -1.52 -4.33 8.13
CA ILE B 396 -1.15 -3.54 9.30
C ILE B 396 -0.39 -2.28 8.89
N SER B 397 0.50 -2.39 7.92
CA SER B 397 1.24 -1.21 7.47
C SER B 397 0.32 -0.14 6.92
N SER B 398 -0.67 -0.56 6.12
CA SER B 398 -1.62 0.40 5.58
C SER B 398 -2.43 1.06 6.68
N GLU B 399 -2.88 0.29 7.66
CA GLU B 399 -3.61 0.89 8.77
C GLU B 399 -2.71 1.87 9.55
N VAL B 400 -1.43 1.54 9.72
CA VAL B 400 -0.53 2.42 10.46
C VAL B 400 -0.28 3.73 9.70
N VAL B 401 -0.09 3.64 8.38
CA VAL B 401 0.02 4.86 7.57
C VAL B 401 -1.20 5.76 7.82
N GLU B 402 -2.39 5.18 7.80
CA GLU B 402 -3.61 5.96 8.00
C GLU B 402 -3.71 6.51 9.44
N MET B 403 -3.18 5.78 10.41
CA MET B 403 -3.16 6.25 11.79
C MET B 403 -2.38 7.54 11.99
N PHE B 404 -1.42 7.80 11.10
CA PHE B 404 -0.66 9.03 11.19
C PHE B 404 -1.35 10.18 10.46
N GLY B 405 -2.50 9.92 9.86
CA GLY B 405 -3.20 10.98 9.14
C GLY B 405 -2.37 11.50 7.98
N GLY B 406 -2.52 12.79 7.66
CA GLY B 406 -1.79 13.37 6.53
C GLY B 406 -0.30 13.12 6.60
N ALA B 407 0.26 13.21 7.80
CA ALA B 407 1.70 12.95 8.00
C ALA B 407 2.12 11.57 7.52
N GLY B 408 1.21 10.61 7.64
CA GLY B 408 1.51 9.25 7.23
C GLY B 408 1.77 9.11 5.74
N TYR B 409 1.30 10.11 4.98
CA TYR B 409 1.37 10.11 3.52
C TYR B 409 2.58 10.89 3.00
N VAL B 410 3.38 11.43 3.90
CA VAL B 410 4.51 12.31 3.52
C VAL B 410 5.82 11.63 3.83
N GLU B 411 6.68 11.50 2.82
CA GLU B 411 7.83 10.60 2.92
C GLU B 411 8.85 10.97 3.99
N ASP B 412 9.06 12.27 4.27
CA ASP B 412 10.12 12.60 5.21
C ASP B 412 9.79 12.19 6.66
N THR B 413 8.55 11.76 6.92
CA THR B 413 8.22 11.26 8.26
C THR B 413 8.72 9.83 8.50
N GLY B 414 9.07 9.15 7.40
CA GLY B 414 9.45 7.76 7.44
C GLY B 414 8.28 6.79 7.44
N ILE B 415 7.06 7.32 7.45
CA ILE B 415 5.89 6.44 7.57
C ILE B 415 5.43 5.76 6.23
N PRO B 416 5.39 6.51 5.11
CA PRO B 416 4.98 5.83 3.86
C PRO B 416 5.82 4.60 3.49
N ARG B 417 7.11 4.63 3.84
CA ARG B 417 7.99 3.47 3.60
C ARG B 417 7.39 2.18 4.17
N LEU B 418 6.67 2.30 5.29
CA LEU B 418 6.10 1.10 5.89
C LEU B 418 5.23 0.34 4.90
N LEU B 419 4.39 1.07 4.17
CA LEU B 419 3.54 0.42 3.18
C LEU B 419 4.31 0.01 1.95
N ARG B 420 5.16 0.89 1.44
CA ARG B 420 5.86 0.56 0.22
C ARG B 420 6.72 -0.68 0.37
N ASP B 421 7.41 -0.78 1.50
CA ASP B 421 8.26 -1.93 1.74
C ASP B 421 7.42 -3.18 2.05
N ALA B 422 6.36 -3.04 2.85
CA ALA B 422 5.56 -4.23 3.21
C ALA B 422 5.01 -4.95 1.98
N GLN B 423 4.62 -4.19 0.97
CA GLN B 423 3.99 -4.77 -0.22
C GLN B 423 4.92 -5.79 -0.92
N VAL B 424 6.24 -5.70 -0.71
CA VAL B 424 7.11 -6.70 -1.31
C VAL B 424 6.93 -8.10 -0.69
N PHE B 425 6.47 -8.19 0.55
CA PHE B 425 6.53 -9.48 1.22
C PHE B 425 5.60 -10.52 0.62
N SER B 426 4.52 -10.07 -0.02
CA SER B 426 3.57 -11.02 -0.63
C SER B 426 3.89 -11.30 -2.08
N ILE B 427 4.99 -10.77 -2.56
CA ILE B 427 5.39 -10.96 -3.94
C ILE B 427 6.63 -11.80 -4.10
N TRP B 428 7.71 -11.42 -3.46
CA TRP B 428 8.90 -12.21 -3.60
C TRP B 428 8.80 -13.54 -2.89
N GLU B 429 9.44 -14.53 -3.43
CA GLU B 429 9.41 -15.84 -2.86
C GLU B 429 8.01 -16.49 -2.89
N GLY B 430 7.12 -16.01 -3.76
CA GLY B 430 5.79 -16.59 -3.95
C GLY B 430 4.65 -15.69 -3.55
N THR B 431 3.69 -15.51 -4.48
CA THR B 431 2.48 -14.76 -4.16
C THR B 431 1.55 -15.57 -3.27
N THR B 432 0.52 -14.92 -2.73
CA THR B 432 -0.47 -15.57 -1.88
C THR B 432 -1.07 -16.76 -2.58
N ASN B 433 -1.48 -16.57 -3.83
CA ASN B 433 -2.19 -17.65 -4.53
C ASN B 433 -1.23 -18.79 -4.92
N VAL B 434 -0.02 -18.46 -5.37
CA VAL B 434 0.93 -19.51 -5.72
C VAL B 434 1.33 -20.33 -4.49
N LEU B 435 1.52 -19.69 -3.35
CA LEU B 435 1.86 -20.42 -2.13
C LEU B 435 0.67 -21.21 -1.56
N SER B 436 -0.55 -20.71 -1.77
CA SER B 436 -1.74 -21.45 -1.35
C SER B 436 -1.87 -22.75 -2.13
N LEU B 437 -1.53 -22.70 -3.42
CA LEU B 437 -1.55 -23.90 -4.25
C LEU B 437 -0.39 -24.83 -3.90
N ASP B 438 0.76 -24.27 -3.55
CA ASP B 438 1.88 -25.09 -3.09
CA ASP B 438 1.88 -25.06 -3.07
C ASP B 438 1.45 -25.86 -1.83
N MET B 439 0.73 -25.18 -0.95
CA MET B 439 0.14 -25.79 0.23
C MET B 439 -0.76 -26.98 -0.15
N LEU B 440 -1.65 -26.76 -1.11
CA LEU B 440 -2.58 -27.82 -1.53
C LEU B 440 -1.84 -29.01 -2.15
N ARG B 441 -0.83 -28.72 -2.97
CA ARG B 441 -0.02 -29.78 -3.57
C ARG B 441 0.67 -30.59 -2.49
N ALA B 442 1.20 -29.89 -1.49
CA ALA B 442 1.88 -30.54 -0.38
C ALA B 442 0.94 -31.49 0.35
N PHE B 443 -0.32 -31.10 0.49
CA PHE B 443 -1.32 -31.95 1.14
C PHE B 443 -1.44 -33.31 0.44
N GLU B 444 -1.41 -33.26 -0.89
CA GLU B 444 -1.66 -34.43 -1.73
C GLU B 444 -0.52 -35.45 -1.69
N LYS B 445 0.65 -35.07 -1.19
CA LYS B 445 1.78 -35.97 -1.26
C LYS B 445 2.13 -36.55 0.10
N ASP B 446 2.42 -37.85 0.11
CA ASP B 446 2.76 -38.60 1.32
C ASP B 446 1.67 -38.43 2.38
N GLN B 447 0.43 -38.20 1.91
CA GLN B 447 -0.71 -37.84 2.75
C GLN B 447 -0.39 -36.82 3.83
N ALA B 448 0.35 -35.79 3.45
CA ALA B 448 0.77 -34.75 4.38
C ALA B 448 -0.46 -34.06 4.94
N GLY B 449 -1.48 -33.92 4.09
CA GLY B 449 -2.73 -33.31 4.48
C GLY B 449 -3.33 -33.89 5.75
N GLN B 450 -3.18 -35.21 5.92
CA GLN B 450 -3.74 -35.93 7.05
C GLN B 450 -2.97 -35.61 8.32
N ILE B 451 -1.64 -35.52 8.22
CA ILE B 451 -0.80 -35.21 9.37
C ILE B 451 -1.15 -33.87 9.98
N LEU B 452 -1.37 -32.89 9.11
CA LEU B 452 -1.77 -31.58 9.56
C LEU B 452 -3.09 -31.63 10.36
N GLU B 453 -4.08 -32.31 9.81
CA GLU B 453 -5.40 -32.33 10.45
C GLU B 453 -5.38 -33.02 11.81
N GLN B 454 -4.62 -34.12 11.94
CA GLN B 454 -4.54 -34.75 13.27
C GLN B 454 -3.83 -33.79 14.25
N PHE B 455 -2.85 -33.05 13.74
CA PHE B 455 -2.15 -32.10 14.57
C PHE B 455 -3.12 -31.07 15.08
N LEU B 456 -4.00 -30.60 14.20
CA LEU B 456 -4.97 -29.58 14.56
C LEU B 456 -5.99 -30.10 15.57
N VAL B 457 -6.44 -31.33 15.38
CA VAL B 457 -7.41 -31.94 16.27
C VAL B 457 -6.81 -32.21 17.65
N LEU B 458 -5.61 -32.80 17.65
CA LEU B 458 -4.88 -33.11 18.88
C LEU B 458 -4.67 -31.87 19.74
N ASN B 459 -4.25 -30.77 19.12
CA ASN B 459 -3.91 -29.56 19.87
C ASN B 459 -5.10 -28.65 20.07
N GLU B 460 -6.29 -29.19 19.86
CA GLU B 460 -7.54 -28.56 20.27
C GLU B 460 -7.82 -27.24 19.57
N ALA B 461 -7.67 -27.24 18.25
CA ALA B 461 -8.11 -26.12 17.42
C ALA B 461 -9.57 -25.76 17.66
N GLY B 462 -9.97 -24.55 17.26
CA GLY B 462 -11.32 -24.08 17.46
C GLY B 462 -12.37 -24.94 16.79
N SER B 463 -13.43 -25.26 17.53
CA SER B 463 -14.52 -26.09 17.04
C SER B 463 -15.11 -25.73 15.68
N GLU B 464 -15.61 -24.51 15.55
CA GLU B 464 -16.27 -24.04 14.32
C GLU B 464 -15.35 -23.95 13.12
N GLU B 465 -14.24 -23.25 13.27
CA GLU B 465 -13.30 -23.08 12.19
C GLU B 465 -12.74 -24.42 11.73
N LEU B 466 -12.58 -25.36 12.67
CA LEU B 466 -12.11 -26.70 12.32
C LEU B 466 -13.10 -27.41 11.38
N VAL B 467 -14.39 -27.45 11.73
CA VAL B 467 -15.37 -28.10 10.85
C VAL B 467 -15.47 -27.35 9.52
N ARG B 468 -15.42 -26.02 9.55
CA ARG B 468 -15.40 -25.24 8.32
C ARG B 468 -14.16 -25.61 7.50
N LEU B 469 -13.02 -25.74 8.19
CA LEU B 469 -11.79 -26.18 7.53
C LEU B 469 -11.95 -27.60 7.02
N GLN B 470 -12.49 -28.49 7.85
CA GLN B 470 -12.72 -29.86 7.39
C GLN B 470 -13.69 -29.93 6.23
N LYS B 471 -14.68 -29.04 6.23
CA LYS B 471 -15.64 -28.99 5.15
C LYS B 471 -14.90 -28.65 3.84
N LEU B 472 -14.01 -27.67 3.91
CA LEU B 472 -13.28 -27.25 2.72
C LEU B 472 -12.34 -28.32 2.16
N LEU B 473 -11.71 -29.11 3.02
CA LEU B 473 -10.73 -30.08 2.54
C LEU B 473 -11.35 -31.32 1.89
N THR B 474 -12.68 -31.44 2.00
CA THR B 474 -13.39 -32.54 1.35
C THR B 474 -13.98 -32.12 0.01
N LEU B 475 -13.72 -30.89 -0.41
CA LEU B 475 -14.26 -30.39 -1.67
C LEU B 475 -13.56 -31.00 -2.88
N SER B 476 -14.20 -30.85 -4.05
CA SER B 476 -13.63 -31.33 -5.30
C SER B 476 -12.32 -30.61 -5.54
N GLY B 477 -11.47 -31.19 -6.40
CA GLY B 477 -10.18 -30.60 -6.71
C GLY B 477 -10.20 -29.14 -7.11
N GLU B 478 -11.03 -28.79 -8.08
CA GLU B 478 -11.06 -27.42 -8.58
C GLU B 478 -11.72 -26.47 -7.58
N GLN B 479 -12.79 -26.91 -6.90
CA GLN B 479 -13.43 -26.05 -5.90
C GLN B 479 -12.49 -25.87 -4.70
N LYS B 480 -11.67 -26.88 -4.44
CA LYS B 480 -10.64 -26.78 -3.41
C LYS B 480 -9.61 -25.72 -3.77
N GLU B 481 -9.25 -25.67 -5.06
CA GLU B 481 -8.36 -24.64 -5.57
C GLU B 481 -8.95 -23.25 -5.41
N GLN B 482 -10.23 -23.13 -5.73
CA GLN B 482 -10.91 -21.85 -5.62
C GLN B 482 -10.93 -21.36 -4.18
N HIS B 483 -10.92 -22.29 -3.23
CA HIS B 483 -10.95 -21.96 -1.81
C HIS B 483 -9.58 -22.05 -1.15
N ALA B 484 -8.51 -22.05 -1.95
CA ALA B 484 -7.18 -22.34 -1.43
C ALA B 484 -6.73 -21.27 -0.41
N ARG B 485 -7.08 -20.01 -0.68
CA ARG B 485 -6.75 -18.94 0.25
C ARG B 485 -7.43 -19.08 1.59
N GLU B 486 -8.73 -19.37 1.54
CA GLU B 486 -9.49 -19.54 2.76
C GLU B 486 -8.91 -20.68 3.58
N ILE B 487 -8.59 -21.77 2.92
CA ILE B 487 -7.97 -22.90 3.61
C ILE B 487 -6.67 -22.48 4.28
N ALA B 488 -5.81 -21.76 3.54
CA ALA B 488 -4.53 -21.33 4.08
C ALA B 488 -4.71 -20.44 5.31
N PHE B 489 -5.62 -19.48 5.24
CA PHE B 489 -5.78 -18.58 6.36
C PHE B 489 -6.47 -19.24 7.56
N LEU B 490 -7.40 -20.17 7.33
CA LEU B 490 -7.97 -20.94 8.42
C LEU B 490 -6.87 -21.71 9.15
N ILE B 491 -6.01 -22.38 8.39
CA ILE B 491 -4.92 -23.15 9.01
C ILE B 491 -3.95 -22.23 9.75
N GLY B 492 -3.56 -21.14 9.11
CA GLY B 492 -2.67 -20.17 9.73
C GLY B 492 -3.21 -19.66 11.06
N ASN B 493 -4.48 -19.28 11.07
CA ASN B 493 -5.10 -18.80 12.30
C ASN B 493 -5.12 -19.90 13.38
N ALA B 494 -5.40 -21.14 12.97
CA ALA B 494 -5.46 -22.24 13.93
C ALA B 494 -4.09 -22.51 14.55
N VAL B 495 -3.05 -22.54 13.71
CA VAL B 495 -1.71 -22.79 14.22
C VAL B 495 -1.23 -21.60 15.07
N ALA B 496 -1.57 -20.38 14.66
CA ALA B 496 -1.20 -19.22 15.46
C ALA B 496 -1.84 -19.29 16.85
N ARG B 497 -3.10 -19.71 16.92
CA ARG B 497 -3.76 -19.84 18.23
C ARG B 497 -3.09 -20.90 19.09
N ILE B 498 -2.76 -22.03 18.48
CA ILE B 498 -2.04 -23.09 19.16
C ILE B 498 -0.68 -22.61 19.69
N ALA B 499 0.06 -21.87 18.86
CA ALA B 499 1.36 -21.37 19.26
C ALA B 499 1.25 -20.32 20.37
N MET B 500 0.27 -19.43 20.27
CA MET B 500 0.12 -18.40 21.27
C MET B 500 -0.16 -19.02 22.65
N LYS B 501 -1.01 -20.04 22.66
CA LYS B 501 -1.31 -20.75 23.90
C LYS B 501 -0.05 -21.40 24.44
N LYS B 502 0.69 -22.05 23.55
CA LYS B 502 1.93 -22.74 23.90
C LYS B 502 2.98 -21.81 24.52
N TYR B 503 3.02 -20.55 24.06
CA TYR B 503 4.02 -19.58 24.53
C TYR B 503 3.43 -18.60 25.55
N SER B 504 2.19 -18.84 25.94
CA SER B 504 1.45 -17.97 26.87
C SER B 504 1.35 -16.51 26.41
N LEU B 505 1.02 -16.32 25.13
CA LEU B 505 0.74 -14.98 24.61
C LEU B 505 -0.75 -14.69 24.64
PA FAD C . -5.02 13.52 12.62
O1A FAD C . -6.26 14.27 12.83
O2A FAD C . -3.86 13.76 13.50
O5B FAD C . -5.35 11.98 12.62
C5B FAD C . -4.42 11.04 13.13
C4B FAD C . -5.19 9.82 13.54
O4B FAD C . -6.08 10.16 14.62
C3B FAD C . -6.09 9.22 12.45
O3B FAD C . -5.84 7.84 12.27
C2B FAD C . -7.52 9.39 12.97
O2B FAD C . -8.39 8.34 12.65
C1B FAD C . -7.27 9.45 14.47
N9A FAD C . -8.32 10.12 15.20
C8A FAD C . -8.52 11.43 15.32
N7A FAD C . -9.56 11.71 16.06
C5A FAD C . -10.07 10.48 16.44
C6A FAD C . -11.15 10.09 17.23
N6A FAD C . -12.00 10.93 17.81
N1A FAD C . -11.35 8.76 17.40
C2A FAD C . -10.50 7.91 16.81
N3A FAD C . -9.46 8.18 16.05
C4A FAD C . -9.30 9.49 15.91
N1 FAD C . -6.04 19.54 4.09
C2 FAD C . -6.55 20.71 3.73
O2 FAD C . -7.16 21.38 4.52
N3 FAD C . -6.45 21.17 2.47
C4 FAD C . -5.78 20.48 1.49
O4 FAD C . -5.71 20.95 0.38
C4X FAD C . -5.23 19.21 1.84
N5 FAD C . -4.59 18.51 0.94
C5X FAD C . -4.10 17.29 1.33
C6 FAD C . -3.41 16.50 0.39
C7 FAD C . -2.89 15.28 0.74
C7M FAD C . -2.16 14.47 -0.30
C8 FAD C . -3.05 14.79 2.03
C8M FAD C . -2.49 13.44 2.40
C9 FAD C . -3.69 15.55 2.97
C9A FAD C . -4.24 16.79 2.64
N10 FAD C . -4.91 17.59 3.57
C10 FAD C . -5.41 18.81 3.20
C1' FAD C . -4.98 17.18 4.98
C2' FAD C . -6.04 16.19 5.34
O2' FAD C . -7.28 16.86 5.30
C3' FAD C . -5.71 15.77 6.76
O3' FAD C . -4.65 14.86 6.77
C4' FAD C . -6.86 15.13 7.53
O4' FAD C . -7.87 16.11 7.71
C5' FAD C . -6.43 14.50 8.84
O5' FAD C . -5.83 15.45 9.72
P FAD C . -4.40 15.15 10.34
O1P FAD C . -3.44 14.97 9.24
O2P FAD C . -4.07 16.18 11.33
O3P FAD C . -4.57 13.77 11.11
PA FAD D . 3.98 -14.47 -12.01
O1A FAD D . 4.41 -15.84 -11.74
O2A FAD D . 3.77 -14.03 -13.39
O5B FAD D . 2.68 -14.17 -11.15
C5B FAD D . 1.64 -13.37 -11.72
C4B FAD D . 0.36 -13.73 -11.02
O4B FAD D . 0.00 -15.06 -11.45
C3B FAD D . 0.46 -13.81 -9.49
O3B FAD D . -0.52 -13.03 -8.82
C2B FAD D . 0.23 -15.27 -9.16
O2B FAD D . -0.38 -15.49 -7.92
C1B FAD D . -0.55 -15.76 -10.37
N9A FAD D . -0.38 -17.17 -10.58
C8A FAD D . 0.71 -17.80 -11.07
N7A FAD D . 0.56 -19.09 -11.13
C5A FAD D . -0.72 -19.31 -10.66
C6A FAD D . -1.50 -20.47 -10.50
N6A FAD D . -1.07 -21.69 -10.80
N1A FAD D . -2.74 -20.31 -10.01
C2A FAD D . -3.17 -19.09 -9.71
N3A FAD D . -2.54 -17.93 -9.84
C4A FAD D . -1.31 -18.13 -10.33
N1 FAD D . 13.65 -13.57 -8.05
C2 FAD D . 14.81 -14.22 -7.99
O2 FAD D . 14.92 -15.31 -8.50
N3 FAD D . 15.89 -13.69 -7.40
C4 FAD D . 15.86 -12.46 -6.81
O4 FAD D . 16.87 -12.04 -6.29
C4X FAD D . 14.66 -11.74 -6.83
N5 FAD D . 14.59 -10.55 -6.28
C5X FAD D . 13.40 -9.91 -6.32
C6 FAD D . 13.29 -8.63 -5.74
C7 FAD D . 12.12 -7.93 -5.75
C7M FAD D . 12.05 -6.59 -5.10
C8 FAD D . 10.98 -8.51 -6.32
C8M FAD D . 9.67 -7.77 -6.33
C9 FAD D . 11.06 -9.73 -6.92
C9A FAD D . 12.26 -10.46 -6.92
N10 FAD D . 12.37 -11.71 -7.50
C10 FAD D . 13.56 -12.39 -7.49
C1' FAD D . 11.24 -12.26 -8.27
C2' FAD D . 10.18 -12.94 -7.51
O2' FAD D . 10.66 -14.17 -7.09
C3' FAD D . 9.06 -13.15 -8.54
O3' FAD D . 8.39 -11.95 -8.75
C4' FAD D . 8.05 -14.22 -8.14
O4' FAD D . 8.70 -15.48 -8.18
C5' FAD D . 6.82 -14.22 -9.03
O5' FAD D . 7.18 -14.41 -10.41
P FAD D . 6.61 -13.44 -11.51
O1P FAD D . 7.04 -12.06 -11.20
O2P FAD D . 6.92 -13.98 -12.84
O3P FAD D . 5.04 -13.51 -11.35
#